data_7YFW
#
_entry.id   7YFW
#
_cell.length_a   1.00
_cell.length_b   1.00
_cell.length_c   1.00
_cell.angle_alpha   90.00
_cell.angle_beta   90.00
_cell.angle_gamma   90.00
#
_symmetry.space_group_name_H-M   'P 1'
#
_entity_poly.entity_id   1
_entity_poly.type   'polypeptide(L)'
_entity_poly.pdbx_seq_one_letter_code
;MASINLPFSLSGSKRIPTSEELADGYQCGPLDVELDNWLMWWLTGQVDGVIEGAGLTTDDTDLARLYKAIQSMTSGNLRT
VVLTAASGNLPIPSDVSVLNWVRAVGGGGAGGNSNTGNSKASGGGGGAGFDRFNVAVTPGSNVPYTVGAAGAVNGLGAGY
NGGAGGSTAILGTTAGGGAGGLGVNNNATAVQVNGGTTSGTTPEISYPGGLGTEGIVGTGGGSVLSQPTQRAFTNAGNNN
PANSWGGGGPGGSDFGGAWQPGGVGKQGIIIVQYFSRFAP
;
_entity_poly.pdbx_strand_id   a,b,c
#
# COMPACT_ATOMS: atom_id res chain seq x y z
N MET A 1 9.54 -32.66 25.97
CA MET A 1 8.13 -32.89 26.28
C MET A 1 7.38 -31.58 26.02
N ALA A 2 7.79 -30.87 24.97
CA ALA A 2 7.19 -29.58 24.64
C ALA A 2 5.73 -29.75 24.23
N SER A 3 5.49 -30.44 23.11
CA SER A 3 4.12 -30.71 22.70
C SER A 3 3.48 -31.66 23.69
N ILE A 4 2.16 -31.55 23.86
CA ILE A 4 1.45 -32.29 24.89
C ILE A 4 0.32 -33.13 24.33
N ASN A 5 -0.09 -32.92 23.08
CA ASN A 5 -1.40 -33.37 22.59
C ASN A 5 -2.47 -32.76 23.50
N LEU A 6 -2.57 -31.44 23.41
CA LEU A 6 -3.03 -30.64 24.55
C LEU A 6 -4.52 -30.67 24.89
N PRO A 7 -5.47 -30.85 23.97
CA PRO A 7 -6.88 -30.70 24.39
C PRO A 7 -7.27 -31.78 25.38
N PHE A 8 -7.83 -31.34 26.50
CA PHE A 8 -7.74 -32.09 27.75
C PHE A 8 -8.57 -33.37 27.72
N SER A 9 -9.83 -33.28 27.31
CA SER A 9 -10.74 -34.42 27.45
C SER A 9 -10.51 -35.52 26.42
N LEU A 10 -10.68 -35.23 25.13
CA LEU A 10 -10.53 -36.22 24.06
C LEU A 10 -11.38 -37.46 24.31
N SER A 11 -12.70 -37.27 24.23
CA SER A 11 -13.70 -38.32 24.39
C SER A 11 -13.81 -38.76 25.85
N GLY A 12 -13.58 -37.83 26.77
CA GLY A 12 -13.69 -38.13 28.20
C GLY A 12 -15.06 -37.85 28.78
N SER A 13 -16.11 -38.38 28.13
CA SER A 13 -17.48 -38.28 28.62
C SER A 13 -17.89 -36.82 28.87
N LYS A 14 -17.91 -36.04 27.80
CA LYS A 14 -18.25 -34.63 27.87
C LYS A 14 -19.76 -34.45 27.80
N ARG A 15 -20.29 -33.58 28.65
CA ARG A 15 -21.69 -33.15 28.58
C ARG A 15 -21.75 -31.65 28.83
N ILE A 16 -22.45 -30.94 27.95
CA ILE A 16 -22.55 -29.48 28.06
C ILE A 16 -23.34 -29.13 29.31
N PRO A 17 -22.93 -28.12 30.08
CA PRO A 17 -23.74 -27.68 31.22
C PRO A 17 -25.09 -27.12 30.78
N THR A 18 -26.08 -27.28 31.65
CA THR A 18 -27.44 -26.86 31.34
C THR A 18 -27.56 -25.34 31.38
N SER A 19 -28.68 -24.84 30.85
CA SER A 19 -28.93 -23.40 30.86
C SER A 19 -29.04 -22.85 32.29
N GLU A 20 -29.70 -23.59 33.18
CA GLU A 20 -29.69 -23.23 34.59
C GLU A 20 -28.26 -23.25 35.14
N GLU A 21 -27.48 -24.25 34.74
CA GLU A 21 -26.08 -24.32 35.13
C GLU A 21 -25.27 -23.14 34.59
N LEU A 22 -25.69 -22.56 33.47
CA LEU A 22 -25.03 -21.39 32.91
C LEU A 22 -25.51 -20.09 33.54
N ALA A 23 -26.73 -20.05 34.09
CA ALA A 23 -27.23 -18.84 34.70
C ALA A 23 -26.55 -18.56 36.04
N ASP A 24 -26.25 -19.62 36.79
CA ASP A 24 -25.52 -19.51 38.03
C ASP A 24 -24.12 -20.13 37.87
N GLY A 25 -23.40 -20.19 38.97
CA GLY A 25 -22.11 -20.87 39.02
C GLY A 25 -22.25 -22.31 39.42
N TYR A 26 -21.19 -22.86 40.01
CA TYR A 26 -21.23 -24.24 40.48
C TYR A 26 -22.34 -24.42 41.52
N GLN A 27 -23.10 -25.48 41.36
CA GLN A 27 -24.25 -25.76 42.20
C GLN A 27 -23.81 -26.40 43.52
N CYS A 28 -24.72 -26.38 44.49
CA CYS A 28 -24.43 -26.91 45.82
C CYS A 28 -24.20 -28.43 45.80
N GLY A 29 -24.60 -29.11 44.73
CA GLY A 29 -24.46 -30.53 44.66
C GLY A 29 -23.02 -30.97 44.52
N PRO A 30 -22.80 -32.28 44.54
CA PRO A 30 -21.44 -32.80 44.44
C PRO A 30 -20.82 -32.51 43.08
N LEU A 31 -19.50 -32.68 43.01
CA LEU A 31 -18.77 -32.44 41.77
C LEU A 31 -19.01 -33.58 40.78
N ASP A 32 -19.39 -33.22 39.56
CA ASP A 32 -19.66 -34.19 38.51
C ASP A 32 -18.54 -34.15 37.46
N VAL A 33 -18.13 -35.33 37.00
CA VAL A 33 -17.02 -35.42 36.06
C VAL A 33 -17.42 -34.84 34.70
N GLU A 34 -18.67 -35.05 34.29
CA GLU A 34 -19.10 -34.66 32.96
C GLU A 34 -19.12 -33.14 32.77
N LEU A 35 -19.13 -32.37 33.86
CA LEU A 35 -19.09 -30.92 33.76
C LEU A 35 -17.65 -30.40 33.77
N ASP A 36 -16.86 -30.87 34.73
CA ASP A 36 -15.46 -30.46 34.85
C ASP A 36 -14.59 -31.02 33.74
N ASN A 37 -15.09 -31.97 32.95
CA ASN A 37 -14.37 -32.39 31.75
C ASN A 37 -14.57 -31.40 30.62
N TRP A 38 -15.83 -31.15 30.26
CA TRP A 38 -16.13 -30.26 29.15
C TRP A 38 -15.69 -28.83 29.43
N LEU A 39 -15.86 -28.36 30.66
CA LEU A 39 -15.67 -26.93 30.91
C LEU A 39 -14.20 -26.56 30.93
N MET A 40 -13.29 -27.52 31.16
CA MET A 40 -11.88 -27.32 30.89
C MET A 40 -11.50 -27.68 29.46
N TRP A 41 -12.16 -28.70 28.87
CA TRP A 41 -11.82 -29.13 27.52
C TRP A 41 -12.06 -28.03 26.51
N TRP A 42 -13.18 -27.31 26.63
CA TRP A 42 -13.46 -26.27 25.65
C TRP A 42 -12.42 -25.16 25.71
N LEU A 43 -12.09 -24.69 26.91
CA LEU A 43 -11.09 -23.64 27.05
C LEU A 43 -9.74 -24.09 26.52
N THR A 44 -9.29 -25.28 26.95
CA THR A 44 -7.96 -25.73 26.56
C THR A 44 -7.89 -26.09 25.08
N GLY A 45 -9.00 -26.56 24.51
CA GLY A 45 -9.03 -26.86 23.09
C GLY A 45 -9.08 -25.61 22.22
N GLN A 46 -9.78 -24.57 22.70
CA GLN A 46 -9.72 -23.29 22.02
C GLN A 46 -8.30 -22.73 22.03
N VAL A 47 -7.62 -22.81 23.18
CA VAL A 47 -6.26 -22.31 23.26
C VAL A 47 -5.33 -23.14 22.36
N ASP A 48 -5.49 -24.47 22.37
CA ASP A 48 -4.69 -25.32 21.51
C ASP A 48 -4.96 -25.03 20.03
N GLY A 49 -6.22 -24.78 19.66
CA GLY A 49 -6.52 -24.43 18.29
C GLY A 49 -5.87 -23.12 17.88
N VAL A 50 -5.87 -22.14 18.78
CA VAL A 50 -5.20 -20.88 18.47
C VAL A 50 -3.70 -21.10 18.29
N ILE A 51 -3.09 -21.90 19.16
CA ILE A 51 -1.65 -22.10 19.07
C ILE A 51 -1.27 -22.88 17.82
N GLU A 52 -1.99 -23.97 17.54
CA GLU A 52 -1.68 -24.86 16.43
C GLU A 52 -2.13 -24.32 15.08
N GLY A 53 -3.06 -23.37 15.05
CA GLY A 53 -3.44 -22.75 13.79
C GLY A 53 -2.57 -21.60 13.37
N ALA A 54 -1.67 -21.15 14.25
CA ALA A 54 -0.74 -20.08 13.95
C ALA A 54 0.61 -20.61 13.48
N GLY A 55 0.74 -21.93 13.30
CA GLY A 55 2.00 -22.50 12.90
C GLY A 55 3.03 -22.58 14.02
N LEU A 56 2.58 -22.51 15.27
CA LEU A 56 3.46 -22.66 16.42
C LEU A 56 3.07 -23.91 17.20
N THR A 57 4.08 -24.53 17.82
CA THR A 57 3.91 -25.78 18.53
C THR A 57 3.57 -25.51 19.99
N THR A 58 2.59 -26.25 20.52
CA THR A 58 2.19 -26.07 21.91
C THR A 58 3.34 -26.41 22.85
N ASP A 59 3.46 -25.62 23.92
CA ASP A 59 4.48 -25.84 24.94
C ASP A 59 3.82 -25.89 26.30
N ASP A 60 4.47 -26.57 27.25
CA ASP A 60 3.88 -26.77 28.57
C ASP A 60 4.16 -25.59 29.49
N THR A 61 5.42 -25.19 29.61
CA THR A 61 5.79 -24.15 30.58
C THR A 61 6.22 -22.84 29.94
N ASP A 62 6.03 -22.67 28.63
CA ASP A 62 6.43 -21.43 27.99
C ASP A 62 5.56 -20.26 28.47
N LEU A 63 4.26 -20.50 28.60
CA LEU A 63 3.24 -19.57 29.11
C LEU A 63 3.02 -18.39 28.18
N ALA A 64 3.80 -18.25 27.10
CA ALA A 64 3.61 -17.17 26.14
C ALA A 64 3.29 -17.68 24.75
N ARG A 65 4.08 -18.62 24.24
CA ARG A 65 3.99 -19.07 22.85
C ARG A 65 4.09 -17.89 21.89
N LEU A 66 5.05 -17.00 22.18
CA LEU A 66 5.17 -15.72 21.49
C LEU A 66 3.84 -14.96 21.52
N TYR A 67 3.37 -14.69 22.74
CA TYR A 67 2.08 -14.03 22.96
C TYR A 67 0.97 -14.77 22.22
N LYS A 68 0.77 -16.04 22.56
CA LYS A 68 -0.30 -16.87 21.99
C LYS A 68 -0.10 -17.09 20.49
N ALA A 69 1.10 -16.81 19.99
CA ALA A 69 1.43 -16.95 18.57
C ALA A 69 0.50 -16.09 17.71
N ILE A 70 -0.04 -15.03 18.31
CA ILE A 70 -0.83 -14.08 17.55
C ILE A 70 0.05 -13.19 16.68
N GLN A 71 1.26 -12.87 17.13
CA GLN A 71 2.22 -12.19 16.27
C GLN A 71 2.48 -12.99 15.01
N SER A 72 2.41 -14.32 15.11
CA SER A 72 2.53 -15.16 13.93
C SER A 72 1.26 -15.09 13.08
N MET A 73 0.22 -14.42 13.58
CA MET A 73 -1.02 -14.31 12.82
C MET A 73 -1.29 -12.87 12.40
N THR A 74 -0.73 -11.90 13.11
CA THR A 74 -0.89 -10.50 12.71
C THR A 74 0.26 -10.06 11.80
N SER A 75 1.49 -10.13 12.30
CA SER A 75 2.68 -9.75 11.54
C SER A 75 3.38 -10.94 10.92
N GLY A 76 3.63 -11.99 11.71
CA GLY A 76 4.21 -13.19 11.16
C GLY A 76 3.25 -13.91 10.24
N ASN A 77 3.80 -14.85 9.47
CA ASN A 77 3.05 -15.62 8.48
C ASN A 77 2.37 -14.71 7.45
N LEU A 78 2.89 -13.49 7.30
CA LEU A 78 2.40 -12.56 6.28
C LEU A 78 3.09 -12.94 4.98
N ARG A 79 2.41 -13.75 4.17
CA ARG A 79 3.02 -14.36 3.00
C ARG A 79 2.67 -13.56 1.75
N THR A 80 3.69 -13.23 0.97
CA THR A 80 3.55 -12.47 -0.27
C THR A 80 3.86 -13.37 -1.46
N VAL A 81 2.92 -13.46 -2.39
CA VAL A 81 3.06 -14.29 -3.58
C VAL A 81 2.89 -13.39 -4.80
N VAL A 82 3.94 -13.27 -5.60
CA VAL A 82 3.91 -12.51 -6.85
C VAL A 82 3.99 -13.48 -8.00
N LEU A 83 3.15 -13.28 -9.01
CA LEU A 83 3.03 -14.19 -10.14
C LEU A 83 3.63 -13.54 -11.38
N THR A 84 4.59 -14.22 -12.00
CA THR A 84 5.22 -13.75 -13.22
C THR A 84 5.23 -14.79 -14.34
N ALA A 85 4.66 -15.97 -14.12
CA ALA A 85 4.53 -16.94 -15.19
C ALA A 85 3.51 -16.48 -16.21
N ALA A 86 3.68 -16.93 -17.45
CA ALA A 86 2.80 -16.49 -18.53
C ALA A 86 1.35 -16.88 -18.27
N SER A 87 1.14 -18.10 -17.77
CA SER A 87 -0.20 -18.55 -17.41
C SER A 87 -0.08 -19.75 -16.49
N GLY A 88 -1.15 -20.03 -15.75
CA GLY A 88 -1.14 -21.14 -14.84
C GLY A 88 -2.15 -20.92 -13.72
N ASN A 89 -2.06 -21.78 -12.72
CA ASN A 89 -2.98 -21.77 -11.59
C ASN A 89 -2.32 -21.13 -10.37
N LEU A 90 -3.14 -20.46 -9.55
CA LEU A 90 -2.68 -19.90 -8.29
C LEU A 90 -3.19 -20.77 -7.15
N PRO A 91 -2.31 -21.46 -6.41
CA PRO A 91 -2.78 -22.37 -5.36
C PRO A 91 -3.19 -21.60 -4.11
N ILE A 92 -4.26 -22.07 -3.47
CA ILE A 92 -4.75 -21.49 -2.22
C ILE A 92 -4.51 -22.51 -1.10
N PRO A 93 -3.80 -22.15 -0.04
CA PRO A 93 -3.54 -23.10 1.04
C PRO A 93 -4.83 -23.60 1.69
N SER A 94 -4.67 -24.63 2.51
CA SER A 94 -5.82 -25.32 3.09
C SER A 94 -6.56 -24.44 4.10
N ASP A 95 -5.84 -23.58 4.82
CA ASP A 95 -6.44 -22.73 5.83
C ASP A 95 -6.76 -21.32 5.33
N VAL A 96 -6.45 -21.01 4.08
CA VAL A 96 -6.65 -19.67 3.54
C VAL A 96 -8.05 -19.58 2.96
N SER A 97 -8.82 -18.60 3.42
CA SER A 97 -10.11 -18.26 2.84
C SER A 97 -10.19 -16.85 2.29
N VAL A 98 -9.28 -15.97 2.72
CA VAL A 98 -9.30 -14.56 2.34
C VAL A 98 -7.88 -14.14 1.99
N LEU A 99 -7.74 -13.40 0.89
CA LEU A 99 -6.46 -12.86 0.45
C LEU A 99 -6.44 -11.35 0.64
N ASN A 100 -5.35 -10.83 1.19
CA ASN A 100 -5.24 -9.41 1.49
C ASN A 100 -4.57 -8.66 0.34
N TRP A 101 -5.22 -7.57 -0.07
CA TRP A 101 -4.75 -6.62 -1.08
C TRP A 101 -4.23 -7.36 -2.32
N VAL A 102 -5.17 -7.98 -3.02
CA VAL A 102 -4.86 -8.61 -4.30
C VAL A 102 -4.58 -7.48 -5.30
N ARG A 103 -3.35 -7.41 -5.77
CA ARG A 103 -2.91 -6.36 -6.68
C ARG A 103 -2.58 -6.96 -8.03
N ALA A 104 -3.11 -6.34 -9.09
CA ALA A 104 -2.87 -6.76 -10.46
C ALA A 104 -2.63 -5.54 -11.33
N VAL A 105 -1.85 -5.73 -12.39
CA VAL A 105 -1.57 -4.67 -13.36
C VAL A 105 -1.64 -5.26 -14.76
N GLY A 106 -2.24 -4.51 -15.69
CA GLY A 106 -2.36 -4.99 -17.04
C GLY A 106 -1.05 -4.91 -17.81
N GLY A 107 -0.94 -5.73 -18.85
CA GLY A 107 0.24 -5.70 -19.69
C GLY A 107 0.33 -4.44 -20.52
N GLY A 108 1.56 -4.10 -20.90
CA GLY A 108 1.82 -2.91 -21.67
C GLY A 108 2.01 -3.21 -23.15
N GLY A 109 1.80 -2.18 -23.96
CA GLY A 109 1.92 -2.29 -25.41
C GLY A 109 3.07 -1.42 -25.92
N ALA A 110 3.86 -1.99 -26.82
CA ALA A 110 4.99 -1.28 -27.40
C ALA A 110 4.50 -0.22 -28.37
N GLY A 111 5.39 0.73 -28.70
CA GLY A 111 5.06 1.81 -29.60
C GLY A 111 5.17 1.42 -31.06
N GLY A 112 4.87 2.39 -31.92
CA GLY A 112 4.91 2.18 -33.36
C GLY A 112 6.33 2.26 -33.91
N ASN A 113 6.42 2.14 -35.22
CA ASN A 113 7.68 2.17 -35.94
C ASN A 113 7.77 3.45 -36.79
N SER A 114 8.95 4.06 -36.80
CA SER A 114 9.19 5.29 -37.52
C SER A 114 10.29 5.09 -38.56
N ASN A 115 10.07 5.66 -39.75
CA ASN A 115 11.05 5.60 -40.82
C ASN A 115 11.96 6.82 -40.76
N THR A 116 12.75 7.05 -41.81
CA THR A 116 13.69 8.16 -41.89
C THR A 116 12.92 9.39 -42.38
N GLY A 117 12.51 10.23 -41.44
CA GLY A 117 11.77 11.43 -41.79
C GLY A 117 11.63 12.34 -40.59
N ASN A 118 11.12 13.55 -40.86
CA ASN A 118 10.97 14.55 -39.82
C ASN A 118 10.01 14.13 -38.72
N SER A 119 9.06 13.26 -39.02
CA SER A 119 8.04 12.84 -38.08
C SER A 119 8.51 11.66 -37.24
N LYS A 120 7.86 11.48 -36.09
CA LYS A 120 8.16 10.40 -35.17
C LYS A 120 6.92 9.54 -34.95
N ALA A 121 7.14 8.28 -34.59
CA ALA A 121 6.05 7.36 -34.37
C ALA A 121 5.37 7.62 -33.02
N SER A 122 4.22 6.99 -32.83
CA SER A 122 3.44 7.14 -31.61
C SER A 122 3.77 6.02 -30.63
N GLY A 123 3.74 6.36 -29.34
CA GLY A 123 4.05 5.39 -28.31
C GLY A 123 2.89 4.45 -28.05
N GLY A 124 3.15 3.49 -27.17
CA GLY A 124 2.17 2.48 -26.80
C GLY A 124 1.51 2.78 -25.47
N GLY A 125 0.29 2.27 -25.31
CA GLY A 125 -0.44 2.47 -24.07
C GLY A 125 0.10 1.62 -22.94
N GLY A 126 -0.30 1.99 -21.73
CA GLY A 126 0.10 1.28 -20.53
C GLY A 126 -1.04 0.48 -19.93
N GLY A 127 -0.70 -0.64 -19.31
CA GLY A 127 -1.71 -1.50 -18.73
C GLY A 127 -2.38 -0.87 -17.52
N ALA A 128 -3.60 -1.31 -17.27
CA ALA A 128 -4.39 -0.83 -16.15
C ALA A 128 -4.21 -1.74 -14.93
N GLY A 129 -4.57 -1.21 -13.76
CA GLY A 129 -4.39 -1.95 -12.52
C GLY A 129 -5.55 -1.75 -11.58
N PHE A 130 -5.58 -2.58 -10.54
CA PHE A 130 -6.63 -2.53 -9.54
C PHE A 130 -6.17 -3.23 -8.28
N ASP A 131 -6.62 -2.73 -7.14
CA ASP A 131 -6.35 -3.35 -5.85
C ASP A 131 -7.66 -3.83 -5.25
N ARG A 132 -7.70 -5.09 -4.85
CA ARG A 132 -8.86 -5.66 -4.18
C ARG A 132 -8.45 -6.09 -2.78
N PHE A 133 -9.09 -5.51 -1.78
CA PHE A 133 -8.77 -5.77 -0.39
C PHE A 133 -9.84 -6.66 0.24
N ASN A 134 -9.41 -7.61 1.06
CA ASN A 134 -10.30 -8.53 1.76
C ASN A 134 -11.18 -9.27 0.75
N VAL A 135 -10.52 -9.97 -0.16
CA VAL A 135 -11.22 -10.78 -1.17
C VAL A 135 -11.49 -12.16 -0.59
N ALA A 136 -12.71 -12.65 -0.81
CA ALA A 136 -13.12 -13.94 -0.27
C ALA A 136 -12.93 -15.01 -1.33
N VAL A 137 -12.27 -16.10 -0.95
CA VAL A 137 -12.03 -17.24 -1.83
C VAL A 137 -12.32 -18.52 -1.06
N THR A 138 -12.09 -19.65 -1.71
CA THR A 138 -12.30 -20.90 -0.99
C THR A 138 -11.00 -21.67 -0.86
N PRO A 139 -10.82 -22.40 0.24
CA PRO A 139 -9.63 -23.24 0.38
C PRO A 139 -9.62 -24.35 -0.67
N GLY A 140 -8.52 -24.44 -1.40
CA GLY A 140 -8.43 -25.37 -2.52
C GLY A 140 -7.56 -24.83 -3.64
N SER A 141 -8.11 -24.74 -4.84
CA SER A 141 -7.43 -24.16 -5.98
C SER A 141 -8.21 -22.96 -6.48
N ASN A 142 -7.50 -21.94 -6.95
CA ASN A 142 -8.13 -20.73 -7.44
C ASN A 142 -8.25 -20.77 -8.97
N VAL A 143 -8.99 -19.82 -9.51
CA VAL A 143 -9.10 -19.69 -10.96
C VAL A 143 -7.71 -19.50 -11.56
N PRO A 144 -7.37 -20.19 -12.65
CA PRO A 144 -6.05 -19.97 -13.27
C PRO A 144 -5.82 -18.52 -13.65
N TYR A 145 -4.85 -17.88 -13.01
CA TYR A 145 -4.56 -16.48 -13.28
C TYR A 145 -4.07 -16.31 -14.72
N THR A 146 -4.42 -15.17 -15.31
CA THR A 146 -4.08 -14.87 -16.70
C THR A 146 -3.42 -13.50 -16.73
N VAL A 147 -2.08 -13.49 -16.68
CA VAL A 147 -1.34 -12.24 -16.75
C VAL A 147 -1.26 -11.80 -18.20
N GLY A 148 -1.00 -10.51 -18.41
CA GLY A 148 -0.84 -10.00 -19.75
C GLY A 148 0.57 -10.24 -20.27
N ALA A 149 0.64 -10.77 -21.48
CA ALA A 149 1.94 -10.99 -22.12
C ALA A 149 2.59 -9.66 -22.46
N ALA A 150 3.92 -9.63 -22.39
CA ALA A 150 4.65 -8.42 -22.71
C ALA A 150 4.42 -8.03 -24.17
N GLY A 151 4.26 -6.73 -24.40
CA GLY A 151 4.01 -6.24 -25.74
C GLY A 151 5.27 -6.22 -26.58
N ALA A 152 5.38 -7.14 -27.52
CA ALA A 152 6.58 -7.28 -28.33
C ALA A 152 6.62 -6.21 -29.41
N VAL A 153 7.82 -5.68 -29.65
CA VAL A 153 8.00 -4.66 -30.68
C VAL A 153 7.74 -5.28 -32.06
N ASN A 154 6.98 -4.55 -32.88
CA ASN A 154 6.65 -5.02 -34.23
C ASN A 154 7.75 -4.57 -35.17
N GLY A 155 8.72 -5.46 -35.39
CA GLY A 155 9.83 -5.17 -36.27
C GLY A 155 9.59 -5.57 -37.70
N LEU A 156 8.32 -5.54 -38.13
CA LEU A 156 7.98 -5.87 -39.51
C LEU A 156 8.48 -4.83 -40.50
N GLY A 157 8.85 -3.63 -40.04
CA GLY A 157 9.33 -2.61 -40.93
C GLY A 157 8.90 -1.22 -40.54
N ALA A 158 9.12 -0.26 -41.43
CA ALA A 158 8.80 1.13 -41.13
C ALA A 158 7.30 1.38 -41.16
N GLY A 159 6.84 2.21 -40.22
CA GLY A 159 5.46 2.65 -40.20
C GLY A 159 4.42 1.57 -39.99
N TYR A 160 4.72 0.59 -39.14
CA TYR A 160 3.79 -0.51 -38.85
C TYR A 160 3.31 -0.39 -37.42
N ASN A 161 2.04 -0.71 -37.20
CA ASN A 161 1.45 -0.63 -35.87
C ASN A 161 2.21 -1.54 -34.91
N GLY A 162 2.50 -1.02 -33.72
CA GLY A 162 3.28 -1.77 -32.76
C GLY A 162 2.51 -2.94 -32.16
N GLY A 163 3.25 -3.80 -31.48
CA GLY A 163 2.64 -4.98 -30.86
C GLY A 163 1.92 -4.63 -29.57
N ALA A 164 0.73 -5.20 -29.41
CA ALA A 164 -0.05 -4.98 -28.21
C ALA A 164 0.26 -6.05 -27.16
N GLY A 165 0.08 -5.67 -25.91
CA GLY A 165 0.28 -6.57 -24.79
C GLY A 165 -1.02 -7.12 -24.27
N GLY A 166 -0.95 -8.30 -23.65
CA GLY A 166 -2.14 -8.94 -23.15
C GLY A 166 -2.73 -8.21 -21.95
N SER A 167 -4.02 -8.45 -21.73
CA SER A 167 -4.70 -7.93 -20.56
C SER A 167 -4.71 -8.97 -19.44
N THR A 168 -4.69 -8.49 -18.21
CA THR A 168 -4.68 -9.36 -17.04
C THR A 168 -6.08 -9.52 -16.47
N ALA A 169 -6.28 -10.62 -15.77
CA ALA A 169 -7.58 -10.93 -15.19
C ALA A 169 -7.41 -12.01 -14.13
N ILE A 170 -8.03 -11.81 -12.97
CA ILE A 170 -7.97 -12.78 -11.89
C ILE A 170 -9.14 -12.58 -10.94
N LEU A 171 -9.79 -13.67 -10.55
CA LEU A 171 -10.86 -13.67 -9.54
C LEU A 171 -12.01 -12.74 -9.96
N GLY A 172 -12.49 -12.96 -11.19
CA GLY A 172 -13.65 -12.26 -11.68
C GLY A 172 -13.43 -10.82 -12.06
N THR A 173 -12.20 -10.34 -12.06
CA THR A 173 -11.89 -8.95 -12.40
C THR A 173 -10.85 -8.95 -13.52
N THR A 174 -11.15 -8.22 -14.59
CA THR A 174 -10.27 -8.13 -15.75
C THR A 174 -9.82 -6.69 -15.92
N ALA A 175 -8.50 -6.49 -15.97
CA ALA A 175 -7.91 -5.18 -16.19
C ALA A 175 -7.41 -5.09 -17.62
N GLY A 176 -7.83 -4.06 -18.33
CA GLY A 176 -7.47 -3.94 -19.73
C GLY A 176 -5.98 -3.77 -19.93
N GLY A 177 -5.48 -4.33 -21.03
CA GLY A 177 -4.08 -4.21 -21.36
C GLY A 177 -3.76 -2.98 -22.18
N GLY A 178 -2.47 -2.68 -22.30
CA GLY A 178 -2.03 -1.55 -23.07
C GLY A 178 -1.96 -1.85 -24.56
N ALA A 179 -2.73 -1.11 -25.36
CA ALA A 179 -2.71 -1.30 -26.79
C ALA A 179 -1.38 -0.84 -27.38
N GLY A 180 -0.99 -1.47 -28.49
CA GLY A 180 0.27 -1.14 -29.12
C GLY A 180 0.23 0.21 -29.80
N GLY A 181 1.42 0.69 -30.17
CA GLY A 181 1.53 1.96 -30.85
C GLY A 181 1.03 1.88 -32.28
N LEU A 182 0.86 3.06 -32.87
CA LEU A 182 0.40 3.18 -34.25
C LEU A 182 1.58 3.53 -35.15
N GLY A 183 1.70 2.80 -36.26
CA GLY A 183 2.81 2.98 -37.18
C GLY A 183 2.39 3.79 -38.39
N VAL A 184 3.09 4.90 -38.60
CA VAL A 184 2.86 5.79 -39.74
C VAL A 184 4.20 6.10 -40.39
N ASN A 185 4.13 6.61 -41.61
CA ASN A 185 5.32 6.90 -42.40
C ASN A 185 5.82 8.31 -42.09
N ASN A 186 6.87 8.70 -42.81
CA ASN A 186 7.47 10.01 -42.59
C ASN A 186 6.53 11.13 -43.02
N ASN A 187 6.81 12.33 -42.51
CA ASN A 187 5.99 13.52 -42.77
C ASN A 187 4.56 13.34 -42.27
N ALA A 188 4.36 12.43 -41.33
CA ALA A 188 3.04 12.15 -40.80
C ALA A 188 3.18 11.51 -39.43
N THR A 189 2.29 11.90 -38.51
CA THR A 189 2.30 11.36 -37.16
C THR A 189 0.87 10.99 -36.77
N ALA A 190 0.72 9.83 -36.15
CA ALA A 190 -0.60 9.30 -35.83
C ALA A 190 -1.21 10.01 -34.62
N VAL A 191 -2.31 9.47 -34.13
CA VAL A 191 -3.03 10.05 -33.00
C VAL A 191 -2.76 9.17 -31.79
N GLN A 192 -3.17 9.64 -30.61
CA GLN A 192 -2.97 8.89 -29.37
C GLN A 192 -3.63 7.51 -29.45
N VAL A 193 -3.10 6.59 -28.64
CA VAL A 193 -3.65 5.24 -28.50
C VAL A 193 -4.07 5.05 -27.05
N ASN A 194 -5.28 4.53 -26.85
CA ASN A 194 -5.81 4.40 -25.50
C ASN A 194 -5.16 3.22 -24.78
N GLY A 195 -5.11 3.33 -23.45
CA GLY A 195 -4.58 2.28 -22.61
C GLY A 195 -5.67 1.35 -22.12
N GLY A 196 -5.31 0.53 -21.12
CA GLY A 196 -6.25 -0.40 -20.55
C GLY A 196 -7.22 0.24 -19.57
N THR A 197 -8.28 -0.50 -19.27
CA THR A 197 -9.30 -0.05 -18.33
C THR A 197 -9.68 -1.21 -17.43
N THR A 198 -10.22 -0.89 -16.26
CA THR A 198 -10.64 -1.90 -15.30
C THR A 198 -12.04 -2.39 -15.66
N SER A 199 -12.20 -3.71 -15.72
CA SER A 199 -13.47 -4.32 -16.04
C SER A 199 -13.74 -5.45 -15.06
N GLY A 200 -14.86 -6.14 -15.26
CA GLY A 200 -15.24 -7.21 -14.36
C GLY A 200 -15.88 -6.66 -13.08
N THR A 201 -15.75 -7.44 -12.01
CA THR A 201 -16.26 -7.01 -10.71
C THR A 201 -15.51 -5.78 -10.23
N THR A 202 -16.19 -4.64 -10.23
CA THR A 202 -15.61 -3.34 -9.91
C THR A 202 -14.94 -3.35 -8.55
N PRO A 203 -13.61 -3.23 -8.49
CA PRO A 203 -12.91 -3.30 -7.20
C PRO A 203 -13.07 -2.05 -6.37
N GLU A 204 -12.44 -2.03 -5.20
CA GLU A 204 -12.48 -0.83 -4.35
C GLU A 204 -11.78 0.33 -5.02
N ILE A 205 -10.62 0.08 -5.65
CA ILE A 205 -9.87 1.12 -6.34
C ILE A 205 -9.37 0.55 -7.67
N SER A 206 -9.40 1.39 -8.70
CA SER A 206 -8.98 1.01 -10.03
C SER A 206 -7.95 1.99 -10.56
N TYR A 207 -6.91 1.46 -11.21
CA TYR A 207 -5.87 2.28 -11.83
C TYR A 207 -5.95 2.13 -13.33
N PRO A 208 -6.58 3.07 -14.05
CA PRO A 208 -6.59 3.01 -15.52
C PRO A 208 -5.20 3.26 -16.07
N GLY A 209 -4.82 2.49 -17.08
CA GLY A 209 -3.48 2.59 -17.62
C GLY A 209 -3.22 3.92 -18.31
N GLY A 210 -1.98 4.36 -18.23
CA GLY A 210 -1.59 5.57 -18.92
C GLY A 210 -1.53 5.34 -20.43
N LEU A 211 -2.17 6.24 -21.18
CA LEU A 211 -2.21 6.13 -22.63
C LEU A 211 -1.12 6.97 -23.27
N GLY A 212 -0.67 6.52 -24.44
CA GLY A 212 0.40 7.20 -25.14
C GLY A 212 -0.06 8.47 -25.83
N THR A 213 0.92 9.19 -26.36
CA THR A 213 0.66 10.47 -27.00
C THR A 213 0.35 10.27 -28.48
N GLU A 214 0.11 11.37 -29.20
CA GLU A 214 -0.04 11.31 -30.64
C GLU A 214 1.27 10.93 -31.32
N GLY A 215 2.39 11.34 -30.72
CA GLY A 215 3.69 11.03 -31.29
C GLY A 215 4.69 12.15 -31.15
N ILE A 216 4.20 13.39 -31.05
CA ILE A 216 5.10 14.53 -30.85
C ILE A 216 5.85 14.39 -29.54
N VAL A 217 5.14 14.03 -28.46
CA VAL A 217 5.80 13.79 -27.19
C VAL A 217 6.33 12.37 -27.12
N GLY A 218 5.50 11.39 -27.47
CA GLY A 218 5.93 10.01 -27.53
C GLY A 218 6.37 9.42 -26.21
N THR A 219 5.59 9.64 -25.15
CA THR A 219 5.90 9.06 -23.86
C THR A 219 5.37 7.64 -23.77
N GLY A 220 6.02 6.83 -22.93
CA GLY A 220 5.58 5.47 -22.74
C GLY A 220 4.31 5.39 -21.92
N GLY A 221 3.61 4.27 -22.06
CA GLY A 221 2.41 4.05 -21.27
C GLY A 221 2.74 3.92 -19.80
N GLY A 222 1.83 4.42 -18.96
CA GLY A 222 2.00 4.39 -17.52
C GLY A 222 1.04 3.46 -16.82
N SER A 223 1.32 3.22 -15.54
CA SER A 223 0.52 2.34 -14.70
C SER A 223 0.84 2.68 -13.25
N VAL A 224 0.20 1.96 -12.33
CA VAL A 224 0.42 2.21 -10.91
C VAL A 224 1.86 1.89 -10.53
N LEU A 225 2.44 0.87 -11.16
CA LEU A 225 3.81 0.45 -10.89
C LEU A 225 4.83 1.03 -11.86
N SER A 226 4.51 1.09 -13.15
CA SER A 226 5.45 1.54 -14.16
C SER A 226 5.26 3.01 -14.46
N GLN A 227 6.36 3.76 -14.47
CA GLN A 227 6.35 5.17 -14.79
C GLN A 227 6.46 5.35 -16.31
N PRO A 228 5.84 6.41 -16.86
CA PRO A 228 6.01 6.68 -18.29
C PRO A 228 7.47 6.89 -18.65
N THR A 229 7.86 6.34 -19.79
CA THR A 229 9.23 6.39 -20.27
C THR A 229 9.29 7.15 -21.59
N GLN A 230 10.27 8.05 -21.71
CA GLN A 230 10.42 8.88 -22.89
C GLN A 230 11.20 8.16 -23.98
N ARG A 231 11.18 8.74 -25.18
CA ARG A 231 11.86 8.17 -26.33
C ARG A 231 13.35 8.53 -26.30
N ALA A 232 14.14 7.76 -27.04
CA ALA A 232 15.58 7.98 -27.16
C ALA A 232 15.87 8.63 -28.50
N PHE A 233 16.55 9.78 -28.46
CA PHE A 233 16.99 10.47 -29.67
C PHE A 233 18.38 9.98 -30.01
N THR A 234 18.44 8.83 -30.68
CA THR A 234 19.71 8.20 -31.04
C THR A 234 19.63 7.73 -32.49
N ASN A 235 20.81 7.61 -33.10
CA ASN A 235 20.93 7.21 -34.49
C ASN A 235 21.00 5.69 -34.67
N ALA A 236 21.10 4.94 -33.59
CA ALA A 236 21.23 3.49 -33.67
C ALA A 236 19.98 2.75 -33.17
N GLY A 237 18.91 3.48 -32.84
CA GLY A 237 17.70 2.84 -32.37
C GLY A 237 17.86 2.10 -31.06
N ASN A 238 18.23 2.83 -30.01
CA ASN A 238 18.41 2.21 -28.69
C ASN A 238 17.11 1.65 -28.14
N ASN A 239 15.96 2.20 -28.55
CA ASN A 239 14.62 1.70 -28.22
C ASN A 239 14.51 1.36 -26.73
N ASN A 240 14.61 2.39 -25.90
CA ASN A 240 14.54 2.23 -24.45
C ASN A 240 13.20 1.63 -24.06
N PRO A 241 13.18 0.58 -23.24
CA PRO A 241 11.91 -0.04 -22.87
C PRO A 241 11.23 0.69 -21.71
N ALA A 242 10.07 0.18 -21.29
CA ALA A 242 9.43 0.69 -20.09
C ALA A 242 10.18 0.18 -18.85
N ASN A 243 10.11 0.95 -17.78
CA ASN A 243 10.91 0.64 -16.60
C ASN A 243 10.40 -0.60 -15.87
N SER A 244 9.09 -0.69 -15.63
CA SER A 244 8.55 -1.74 -14.78
C SER A 244 7.32 -2.33 -15.45
N TRP A 245 6.60 -3.17 -14.70
CA TRP A 245 5.48 -3.92 -15.27
C TRP A 245 4.33 -2.99 -15.64
N GLY A 246 3.74 -3.25 -16.81
CA GLY A 246 2.59 -2.50 -17.27
C GLY A 246 2.90 -1.33 -18.16
N GLY A 247 4.15 -0.88 -18.22
CA GLY A 247 4.50 0.26 -19.04
C GLY A 247 4.49 -0.07 -20.51
N GLY A 248 4.52 0.99 -21.32
CA GLY A 248 4.48 0.84 -22.76
C GLY A 248 5.68 1.46 -23.47
N GLY A 249 5.95 1.00 -24.69
CA GLY A 249 7.03 1.53 -25.47
C GLY A 249 6.80 2.98 -25.86
N PRO A 250 7.85 3.79 -25.78
CA PRO A 250 7.70 5.23 -26.10
C PRO A 250 7.51 5.49 -27.58
N GLY A 251 7.54 4.44 -28.39
CA GLY A 251 7.30 4.57 -29.81
C GLY A 251 8.59 4.78 -30.61
N GLY A 252 8.46 4.58 -31.93
CA GLY A 252 9.61 4.75 -32.80
C GLY A 252 10.05 6.20 -32.84
N SER A 253 11.36 6.40 -32.96
CA SER A 253 11.98 7.71 -32.97
C SER A 253 12.82 7.89 -34.22
N ASP A 254 13.09 9.16 -34.53
CA ASP A 254 13.96 9.49 -35.66
C ASP A 254 14.46 10.93 -35.59
N PHE A 255 15.76 11.12 -35.82
CA PHE A 255 16.31 12.44 -36.05
C PHE A 255 17.57 12.27 -36.89
N GLY A 256 17.71 13.09 -37.93
CA GLY A 256 18.83 12.98 -38.85
C GLY A 256 18.84 11.67 -39.62
N GLY A 257 17.69 11.25 -40.11
CA GLY A 257 17.61 10.05 -40.94
C GLY A 257 17.93 8.75 -40.24
N ALA A 258 17.39 8.55 -39.04
CA ALA A 258 17.63 7.34 -38.26
C ALA A 258 16.39 6.45 -38.29
N TRP A 259 16.57 5.17 -37.99
CA TRP A 259 15.47 4.21 -37.94
C TRP A 259 15.48 3.55 -36.56
N GLN A 260 14.57 4.00 -35.69
CA GLN A 260 14.43 3.43 -34.36
C GLN A 260 13.12 2.68 -34.25
N PRO A 261 13.15 1.37 -33.99
CA PRO A 261 11.89 0.61 -33.91
C PRO A 261 10.98 1.06 -32.78
N GLY A 262 11.53 1.61 -31.70
CA GLY A 262 10.75 1.99 -30.55
C GLY A 262 10.82 0.94 -29.44
N GLY A 263 10.47 1.38 -28.23
CA GLY A 263 10.59 0.54 -27.06
C GLY A 263 9.68 -0.67 -27.12
N VAL A 264 9.87 -1.54 -26.12
CA VAL A 264 9.12 -2.79 -26.02
C VAL A 264 8.21 -2.70 -24.79
N GLY A 265 7.00 -3.24 -24.93
CA GLY A 265 6.02 -3.20 -23.87
C GLY A 265 6.23 -4.25 -22.80
N LYS A 266 6.26 -3.82 -21.54
CA LYS A 266 6.48 -4.75 -20.44
C LYS A 266 5.20 -5.55 -20.14
N GLN A 267 5.38 -6.64 -19.39
CA GLN A 267 4.29 -7.54 -19.06
C GLN A 267 3.58 -7.09 -17.78
N GLY A 268 2.47 -7.76 -17.49
CA GLY A 268 1.73 -7.52 -16.26
C GLY A 268 1.99 -8.61 -15.22
N ILE A 269 1.77 -8.24 -13.95
CA ILE A 269 2.05 -9.13 -12.84
C ILE A 269 0.88 -9.11 -11.88
N ILE A 270 0.83 -10.13 -11.02
CA ILE A 270 -0.22 -10.31 -10.01
C ILE A 270 0.45 -10.34 -8.65
N ILE A 271 -0.07 -9.55 -7.72
CA ILE A 271 0.42 -9.51 -6.35
C ILE A 271 -0.72 -9.87 -5.41
N VAL A 272 -0.49 -10.84 -4.53
CA VAL A 272 -1.46 -11.24 -3.52
C VAL A 272 -0.74 -11.41 -2.18
N GLN A 273 -1.49 -11.24 -1.10
CA GLN A 273 -1.04 -11.64 0.23
C GLN A 273 -2.14 -12.38 0.96
N TYR A 274 -1.77 -13.46 1.63
CA TYR A 274 -2.67 -14.25 2.45
C TYR A 274 -1.92 -14.65 3.71
N PHE A 275 -2.67 -15.11 4.71
CA PHE A 275 -2.11 -15.54 5.97
C PHE A 275 -2.27 -17.05 6.10
N SER A 276 -1.15 -17.74 6.31
CA SER A 276 -1.17 -19.20 6.39
C SER A 276 0.12 -19.67 7.02
N ARG A 277 0.02 -20.73 7.83
CA ARG A 277 1.23 -21.34 8.38
C ARG A 277 2.04 -22.08 7.31
N PHE A 278 1.44 -22.37 6.17
CA PHE A 278 2.16 -23.01 5.07
C PHE A 278 2.97 -21.99 4.29
N ALA A 279 4.23 -22.32 4.06
CA ALA A 279 5.08 -21.45 3.26
C ALA A 279 4.62 -21.44 1.80
N PRO A 280 4.62 -20.28 1.15
CA PRO A 280 4.16 -20.16 -0.24
C PRO A 280 5.11 -20.81 -1.24
N MET B 1 -10.14 -3.00 42.00
CA MET B 1 -8.78 -2.91 41.51
C MET B 1 -8.63 -3.57 40.15
N ALA B 2 -8.10 -2.83 39.19
CA ALA B 2 -7.96 -3.34 37.82
C ALA B 2 -6.90 -4.44 37.75
N SER B 3 -5.65 -4.08 38.05
CA SER B 3 -4.55 -5.03 37.90
C SER B 3 -4.72 -6.21 38.83
N ILE B 4 -4.58 -7.42 38.28
CA ILE B 4 -4.68 -8.64 39.07
C ILE B 4 -3.42 -9.48 39.06
N ASN B 5 -2.62 -9.46 37.99
CA ASN B 5 -1.41 -10.26 37.88
C ASN B 5 -1.71 -11.73 38.16
N LEU B 6 -2.48 -12.32 37.24
CA LEU B 6 -3.10 -13.61 37.55
C LEU B 6 -2.54 -14.79 36.76
N PRO B 7 -1.30 -15.22 37.05
CA PRO B 7 -1.00 -16.65 36.93
C PRO B 7 -1.34 -17.32 38.25
N PHE B 8 -2.20 -18.34 38.24
CA PHE B 8 -2.82 -18.78 39.48
C PHE B 8 -1.81 -19.49 40.39
N SER B 9 -1.26 -20.60 39.92
CA SER B 9 -0.36 -21.40 40.77
C SER B 9 0.93 -20.64 41.07
N LEU B 10 1.59 -20.14 40.03
CA LEU B 10 2.86 -19.42 40.15
C LEU B 10 3.89 -20.26 40.91
N SER B 11 4.29 -21.36 40.28
CA SER B 11 5.26 -22.31 40.85
C SER B 11 4.74 -22.91 42.15
N GLY B 12 3.61 -23.61 42.04
CA GLY B 12 2.96 -24.21 43.19
C GLY B 12 2.94 -25.73 43.15
N SER B 13 4.08 -26.33 42.78
CA SER B 13 4.20 -27.78 42.62
C SER B 13 3.23 -28.27 41.55
N LYS B 14 3.46 -27.82 40.32
CA LYS B 14 2.58 -28.06 39.19
C LYS B 14 2.93 -29.39 38.51
N ARG B 15 2.01 -29.85 37.66
CA ARG B 15 2.16 -31.13 36.98
C ARG B 15 1.37 -31.12 35.69
N ILE B 16 1.99 -31.61 34.62
CA ILE B 16 1.35 -31.66 33.31
C ILE B 16 0.32 -32.79 33.30
N PRO B 17 -0.74 -32.67 32.51
CA PRO B 17 -1.72 -33.76 32.41
C PRO B 17 -1.13 -34.95 31.66
N THR B 18 -1.08 -36.10 32.34
CA THR B 18 -0.44 -37.28 31.79
C THR B 18 -1.32 -37.87 30.68
N SER B 19 -0.88 -39.02 30.14
CA SER B 19 -1.60 -39.63 29.03
C SER B 19 -3.02 -40.03 29.44
N GLU B 20 -3.17 -40.59 30.64
CA GLU B 20 -4.50 -40.93 31.11
C GLU B 20 -5.35 -39.69 31.34
N GLU B 21 -4.73 -38.58 31.74
CA GLU B 21 -5.44 -37.32 31.88
C GLU B 21 -5.90 -36.77 30.54
N LEU B 22 -5.43 -37.33 29.44
CA LEU B 22 -5.78 -36.89 28.10
C LEU B 22 -6.71 -37.85 27.37
N ALA B 23 -6.60 -39.16 27.65
CA ALA B 23 -7.55 -40.11 27.09
C ALA B 23 -8.97 -39.83 27.61
N ASP B 24 -9.07 -39.50 28.89
CA ASP B 24 -10.30 -39.02 29.50
C ASP B 24 -9.95 -37.92 30.49
N GLY B 25 -10.94 -37.10 30.83
CA GLY B 25 -10.68 -35.92 31.63
C GLY B 25 -10.06 -36.20 32.98
N TYR B 26 -10.80 -36.79 33.90
CA TYR B 26 -10.32 -37.06 35.24
C TYR B 26 -10.45 -38.54 35.54
N GLN B 27 -10.04 -38.91 36.76
CA GLN B 27 -10.01 -40.31 37.17
C GLN B 27 -10.84 -40.49 38.44
N CYS B 28 -11.16 -41.76 38.72
CA CYS B 28 -12.01 -42.09 39.86
C CYS B 28 -11.33 -41.84 41.19
N GLY B 29 -10.02 -41.57 41.21
CA GLY B 29 -9.33 -41.25 42.43
C GLY B 29 -9.61 -39.82 42.86
N PRO B 30 -8.98 -39.39 43.96
CA PRO B 30 -9.19 -38.02 44.43
C PRO B 30 -8.66 -37.00 43.44
N LEU B 31 -9.28 -35.83 43.44
CA LEU B 31 -8.84 -34.71 42.62
C LEU B 31 -7.74 -33.96 43.38
N ASP B 32 -6.50 -34.21 43.00
CA ASP B 32 -5.35 -33.63 43.67
C ASP B 32 -5.19 -32.17 43.28
N VAL B 33 -4.74 -31.36 44.25
CA VAL B 33 -4.52 -29.95 43.98
C VAL B 33 -3.38 -29.76 42.97
N GLU B 34 -2.46 -30.72 42.90
CA GLU B 34 -1.28 -30.56 42.06
C GLU B 34 -1.65 -30.41 40.59
N LEU B 35 -2.56 -31.24 40.08
CA LEU B 35 -2.88 -31.22 38.66
C LEU B 35 -3.84 -30.09 38.31
N ASP B 36 -4.88 -29.90 39.13
CA ASP B 36 -5.79 -28.80 38.89
C ASP B 36 -5.08 -27.45 38.99
N ASN B 37 -4.05 -27.36 39.82
CA ASN B 37 -3.28 -26.13 39.93
C ASN B 37 -2.67 -25.76 38.59
N TRP B 38 -2.06 -26.72 37.90
CA TRP B 38 -1.53 -26.44 36.57
C TRP B 38 -2.64 -26.20 35.56
N LEU B 39 -3.70 -27.00 35.62
CA LEU B 39 -4.81 -26.85 34.69
C LEU B 39 -5.45 -25.48 34.78
N MET B 40 -5.34 -24.81 35.91
CA MET B 40 -5.76 -23.43 36.04
C MET B 40 -4.66 -22.43 35.70
N TRP B 41 -3.44 -22.65 36.18
CA TRP B 41 -2.35 -21.70 35.99
C TRP B 41 -2.03 -21.52 34.51
N TRP B 42 -1.98 -22.61 33.76
CA TRP B 42 -1.60 -22.50 32.35
C TRP B 42 -2.60 -21.63 31.58
N LEU B 43 -3.90 -21.93 31.71
CA LEU B 43 -4.92 -21.14 31.03
C LEU B 43 -4.86 -19.68 31.47
N THR B 44 -4.88 -19.43 32.79
CA THR B 44 -4.96 -18.05 33.24
C THR B 44 -3.68 -17.28 32.94
N GLY B 45 -2.53 -17.94 32.98
CA GLY B 45 -1.28 -17.27 32.66
C GLY B 45 -1.18 -16.90 31.20
N GLN B 46 -1.66 -17.77 30.31
CA GLN B 46 -1.67 -17.39 28.90
C GLN B 46 -2.68 -16.29 28.63
N VAL B 47 -3.83 -16.32 29.31
CA VAL B 47 -4.77 -15.20 29.20
C VAL B 47 -4.09 -13.89 29.61
N ASP B 48 -3.40 -13.91 30.75
CA ASP B 48 -2.70 -12.73 31.22
C ASP B 48 -1.61 -12.31 30.23
N GLY B 49 -0.90 -13.28 29.66
CA GLY B 49 0.15 -12.95 28.71
C GLY B 49 -0.39 -12.27 27.46
N VAL B 50 -1.52 -12.76 26.94
CA VAL B 50 -2.13 -12.09 25.81
C VAL B 50 -2.58 -10.68 26.18
N ILE B 51 -3.19 -10.52 27.36
CA ILE B 51 -3.69 -9.20 27.74
C ILE B 51 -2.54 -8.21 27.89
N GLU B 52 -1.49 -8.58 28.61
CA GLU B 52 -0.40 -7.65 28.88
C GLU B 52 0.63 -7.61 27.77
N GLY B 53 0.52 -8.46 26.75
CA GLY B 53 1.47 -8.43 25.65
C GLY B 53 1.27 -7.28 24.70
N ALA B 54 0.16 -6.54 24.83
CA ALA B 54 -0.10 -5.35 24.03
C ALA B 54 -0.06 -4.07 24.87
N GLY B 55 0.64 -4.10 26.00
CA GLY B 55 0.70 -2.93 26.87
C GLY B 55 -0.61 -2.58 27.54
N LEU B 56 -1.36 -3.59 27.98
CA LEU B 56 -2.62 -3.39 28.67
C LEU B 56 -2.55 -4.01 30.06
N THR B 57 -3.65 -3.88 30.80
CA THR B 57 -3.76 -4.40 32.16
C THR B 57 -4.95 -5.34 32.25
N THR B 58 -4.77 -6.47 32.92
CA THR B 58 -5.82 -7.47 33.06
C THR B 58 -6.79 -7.01 34.15
N ASP B 59 -7.96 -6.53 33.76
CA ASP B 59 -8.97 -6.10 34.72
C ASP B 59 -9.89 -7.26 35.05
N ASP B 60 -10.31 -7.34 36.32
CA ASP B 60 -11.15 -8.45 36.75
C ASP B 60 -12.61 -8.24 36.37
N THR B 61 -13.02 -7.00 36.13
CA THR B 61 -14.43 -6.68 35.91
C THR B 61 -14.76 -6.31 34.47
N ASP B 62 -13.77 -5.90 33.66
CA ASP B 62 -14.04 -5.49 32.29
C ASP B 62 -14.60 -6.65 31.48
N LEU B 63 -13.99 -7.83 31.60
CA LEU B 63 -14.37 -9.09 30.98
C LEU B 63 -14.16 -9.06 29.47
N ALA B 64 -13.79 -7.93 28.88
CA ALA B 64 -13.51 -7.84 27.46
C ALA B 64 -12.05 -7.55 27.14
N ARG B 65 -11.49 -6.49 27.72
CA ARG B 65 -10.07 -6.15 27.56
C ARG B 65 -9.72 -5.91 26.09
N LEU B 66 -10.45 -4.98 25.50
CA LEU B 66 -10.27 -4.59 24.10
C LEU B 66 -10.32 -5.83 23.19
N TYR B 67 -11.32 -6.68 23.45
CA TYR B 67 -11.46 -7.96 22.77
C TYR B 67 -10.16 -8.76 22.86
N LYS B 68 -9.76 -9.06 24.09
CA LYS B 68 -8.53 -9.79 24.38
C LYS B 68 -7.29 -9.03 23.89
N ALA B 69 -7.39 -7.71 23.83
CA ALA B 69 -6.33 -6.81 23.34
C ALA B 69 -5.92 -7.11 21.91
N ILE B 70 -6.68 -7.96 21.20
CA ILE B 70 -6.35 -8.25 19.81
C ILE B 70 -6.57 -7.02 18.94
N GLN B 71 -7.60 -6.24 19.23
CA GLN B 71 -7.80 -4.99 18.51
C GLN B 71 -6.61 -4.05 18.70
N SER B 72 -6.08 -3.98 19.92
CA SER B 72 -4.85 -3.22 20.11
C SER B 72 -3.67 -3.89 19.41
N MET B 73 -3.63 -5.22 19.36
CA MET B 73 -2.52 -5.90 18.70
C MET B 73 -2.58 -5.73 17.19
N THR B 74 -3.75 -5.99 16.59
CA THR B 74 -3.88 -5.92 15.15
C THR B 74 -4.14 -4.50 14.64
N SER B 75 -5.28 -3.92 15.04
CA SER B 75 -5.66 -2.61 14.54
C SER B 75 -4.80 -1.50 15.14
N GLY B 76 -4.59 -1.52 16.46
CA GLY B 76 -3.73 -0.57 17.11
C GLY B 76 -2.27 -0.99 17.05
N ASN B 77 -1.44 -0.22 17.74
CA ASN B 77 -0.02 -0.53 17.90
C ASN B 77 0.74 -0.44 16.58
N LEU B 78 0.04 -0.14 15.49
CA LEU B 78 0.67 0.05 14.19
C LEU B 78 1.37 1.40 14.21
N ARG B 79 2.69 1.38 14.44
CA ARG B 79 3.46 2.59 14.65
C ARG B 79 4.47 2.73 13.51
N THR B 80 4.07 3.40 12.44
CA THR B 80 4.95 3.59 11.30
C THR B 80 6.11 4.51 11.66
N VAL B 81 7.21 4.33 10.95
CA VAL B 81 8.42 5.11 11.14
C VAL B 81 8.90 5.60 9.79
N VAL B 82 9.23 6.89 9.69
CA VAL B 82 9.80 7.49 8.49
C VAL B 82 11.17 8.03 8.83
N LEU B 83 12.17 7.65 8.04
CA LEU B 83 13.56 8.01 8.30
C LEU B 83 14.03 9.06 7.32
N THR B 84 14.63 10.13 7.86
CA THR B 84 15.13 11.23 7.05
C THR B 84 16.57 11.62 7.34
N ALA B 85 17.15 11.18 8.46
CA ALA B 85 18.54 11.49 8.74
C ALA B 85 19.45 10.78 7.75
N ALA B 86 20.63 11.37 7.54
CA ALA B 86 21.55 10.84 6.53
C ALA B 86 21.94 9.40 6.84
N SER B 87 22.26 9.11 8.10
CA SER B 87 22.58 7.76 8.51
C SER B 87 22.46 7.67 10.03
N GLY B 88 21.75 6.65 10.50
CA GLY B 88 21.56 6.47 11.93
C GLY B 88 21.29 5.02 12.24
N ASN B 89 21.06 4.75 13.52
CA ASN B 89 20.78 3.41 14.01
C ASN B 89 19.29 3.29 14.31
N LEU B 90 18.59 2.47 13.53
CA LEU B 90 17.17 2.25 13.77
C LEU B 90 16.98 1.38 15.00
N PRO B 91 16.23 1.83 16.00
CA PRO B 91 16.04 1.01 17.21
C PRO B 91 14.96 -0.05 17.01
N ILE B 92 15.19 -1.23 17.55
CA ILE B 92 14.22 -2.32 17.54
C ILE B 92 13.68 -2.50 18.95
N PRO B 93 12.37 -2.35 19.17
CA PRO B 93 11.81 -2.64 20.49
C PRO B 93 12.02 -4.10 20.87
N SER B 94 11.80 -4.38 22.16
CA SER B 94 12.18 -5.67 22.72
C SER B 94 11.41 -6.82 22.09
N ASP B 95 10.10 -6.65 21.90
CA ASP B 95 9.24 -7.75 21.46
C ASP B 95 9.06 -7.83 19.94
N VAL B 96 9.56 -6.85 19.18
CA VAL B 96 9.38 -6.85 17.74
C VAL B 96 10.31 -7.90 17.13
N SER B 97 9.72 -8.80 16.33
CA SER B 97 10.49 -9.81 15.63
C SER B 97 10.38 -9.70 14.11
N VAL B 98 9.37 -9.02 13.59
CA VAL B 98 9.14 -8.90 12.15
C VAL B 98 8.79 -7.45 11.82
N LEU B 99 9.46 -6.90 10.82
CA LEU B 99 9.08 -5.61 10.24
C LEU B 99 8.31 -5.87 8.96
N ASN B 100 7.14 -5.24 8.84
CA ASN B 100 6.29 -5.42 7.68
C ASN B 100 6.18 -4.14 6.86
N TRP B 101 6.14 -4.31 5.54
CA TRP B 101 6.05 -3.21 4.58
C TRP B 101 7.19 -2.22 4.77
N VAL B 102 8.42 -2.70 4.56
CA VAL B 102 9.59 -1.85 4.58
C VAL B 102 9.76 -1.28 3.17
N ARG B 103 9.73 0.04 3.05
CA ARG B 103 9.83 0.72 1.77
C ARG B 103 11.04 1.64 1.79
N ALA B 104 11.83 1.60 0.70
CA ALA B 104 12.99 2.45 0.55
C ALA B 104 13.00 3.04 -0.84
N VAL B 105 13.53 4.25 -0.96
CA VAL B 105 13.64 4.95 -2.23
C VAL B 105 15.02 5.58 -2.33
N GLY B 106 15.69 5.36 -3.46
CA GLY B 106 16.96 6.01 -3.69
C GLY B 106 16.80 7.47 -4.06
N GLY B 107 17.79 8.27 -3.67
CA GLY B 107 17.74 9.69 -3.95
C GLY B 107 17.86 9.98 -5.44
N GLY B 108 17.08 10.95 -5.91
CA GLY B 108 17.14 11.35 -7.29
C GLY B 108 18.37 12.17 -7.60
N GLY B 109 18.57 12.43 -8.89
CA GLY B 109 19.73 13.15 -9.38
C GLY B 109 19.32 14.48 -9.99
N ALA B 110 20.14 15.50 -9.73
CA ALA B 110 19.89 16.82 -10.29
C ALA B 110 20.16 16.82 -11.80
N GLY B 111 19.54 17.77 -12.49
CA GLY B 111 19.67 17.87 -13.93
C GLY B 111 20.93 18.61 -14.35
N GLY B 112 21.07 18.75 -15.67
CA GLY B 112 22.23 19.42 -16.23
C GLY B 112 22.11 20.93 -16.16
N ASN B 113 23.20 21.59 -16.55
CA ASN B 113 23.29 23.05 -16.57
C ASN B 113 23.31 23.52 -18.01
N SER B 114 22.42 24.46 -18.34
CA SER B 114 22.28 24.98 -19.69
C SER B 114 22.69 26.44 -19.72
N ASN B 115 23.39 26.83 -20.79
CA ASN B 115 23.87 28.19 -20.96
C ASN B 115 22.91 28.98 -21.86
N THR B 116 23.32 30.19 -22.23
CA THR B 116 22.50 31.09 -23.05
C THR B 116 22.73 30.87 -24.54
N GLY B 117 22.39 29.68 -25.03
CA GLY B 117 22.59 29.37 -26.44
C GLY B 117 21.31 29.01 -27.17
N ASN B 118 21.27 27.83 -27.76
CA ASN B 118 20.10 27.34 -28.47
C ASN B 118 19.62 25.97 -28.00
N SER B 119 20.54 25.08 -27.61
CA SER B 119 20.19 23.73 -27.21
C SER B 119 19.99 23.66 -25.69
N LYS B 120 19.20 22.67 -25.26
CA LYS B 120 18.80 22.53 -23.88
C LYS B 120 19.55 21.42 -23.19
N ALA B 121 19.64 21.51 -21.86
CA ALA B 121 20.35 20.53 -21.06
C ALA B 121 19.41 19.43 -20.59
N SER B 122 19.99 18.39 -19.99
CA SER B 122 19.25 17.21 -19.59
C SER B 122 18.83 17.28 -18.12
N GLY B 123 17.79 16.53 -17.78
CA GLY B 123 17.37 16.41 -16.40
C GLY B 123 17.80 15.07 -15.81
N GLY B 124 18.08 15.10 -14.51
CA GLY B 124 18.56 13.90 -13.85
C GLY B 124 17.46 12.86 -13.69
N GLY B 125 17.89 11.61 -13.52
CA GLY B 125 16.94 10.52 -13.36
C GLY B 125 16.43 10.39 -11.94
N GLY B 126 15.43 9.54 -11.78
CA GLY B 126 14.84 9.30 -10.47
C GLY B 126 15.39 8.04 -9.82
N GLY B 127 15.45 8.07 -8.49
CA GLY B 127 15.95 6.93 -7.76
C GLY B 127 14.96 5.78 -7.75
N ALA B 128 15.49 4.59 -7.47
CA ALA B 128 14.69 3.38 -7.46
C ALA B 128 14.07 3.14 -6.10
N GLY B 129 13.02 2.32 -6.08
CA GLY B 129 12.34 2.00 -4.84
C GLY B 129 11.89 0.55 -4.83
N PHE B 130 11.77 0.00 -3.62
CA PHE B 130 11.36 -1.38 -3.45
C PHE B 130 10.52 -1.51 -2.18
N ASP B 131 9.74 -2.60 -2.12
CA ASP B 131 8.98 -2.95 -0.93
C ASP B 131 9.28 -4.40 -0.58
N ARG B 132 9.46 -4.66 0.71
CA ARG B 132 9.64 -6.01 1.22
C ARG B 132 8.70 -6.24 2.38
N PHE B 133 8.21 -7.47 2.52
CA PHE B 133 7.21 -7.81 3.52
C PHE B 133 7.69 -8.98 4.36
N ASN B 134 7.23 -9.03 5.59
CA ASN B 134 7.59 -10.09 6.54
C ASN B 134 9.11 -10.18 6.70
N VAL B 135 9.72 -9.06 7.06
CA VAL B 135 11.17 -8.98 7.18
C VAL B 135 11.56 -9.40 8.59
N ALA B 136 12.29 -10.50 8.70
CA ALA B 136 12.72 -10.99 10.00
C ALA B 136 13.82 -10.10 10.56
N VAL B 137 13.63 -9.60 11.79
CA VAL B 137 14.60 -8.76 12.47
C VAL B 137 14.78 -9.31 13.89
N THR B 138 15.96 -9.08 14.45
CA THR B 138 16.23 -9.55 15.80
C THR B 138 15.94 -8.45 16.82
N PRO B 139 15.58 -8.83 18.05
CA PRO B 139 15.45 -7.82 19.11
C PRO B 139 16.79 -7.15 19.39
N GLY B 140 16.71 -5.88 19.79
CA GLY B 140 17.91 -5.12 20.05
C GLY B 140 18.03 -3.89 19.16
N SER B 141 19.04 -3.88 18.29
CA SER B 141 19.26 -2.77 17.38
C SER B 141 19.27 -3.27 15.94
N ASN B 142 18.66 -2.50 15.04
CA ASN B 142 18.66 -2.81 13.63
C ASN B 142 19.97 -2.38 12.99
N VAL B 143 20.23 -2.93 11.79
CA VAL B 143 21.40 -2.49 11.02
C VAL B 143 21.32 -1.00 10.77
N PRO B 144 22.39 -0.24 10.95
CA PRO B 144 22.32 1.21 10.71
C PRO B 144 21.90 1.54 9.29
N TYR B 145 20.73 2.14 9.14
CA TYR B 145 20.20 2.47 7.83
C TYR B 145 21.01 3.60 7.19
N THR B 146 21.06 3.58 5.87
CA THR B 146 21.67 4.64 5.09
C THR B 146 20.67 5.09 4.04
N VAL B 147 20.53 6.40 3.87
CA VAL B 147 19.59 6.95 2.90
C VAL B 147 20.35 7.58 1.76
N GLY B 148 19.67 7.79 0.64
CA GLY B 148 20.25 8.46 -0.51
C GLY B 148 20.14 9.96 -0.35
N ALA B 149 21.28 10.64 -0.39
CA ALA B 149 21.28 12.08 -0.23
C ALA B 149 20.68 12.75 -1.46
N ALA B 150 20.22 13.98 -1.27
CA ALA B 150 19.63 14.74 -2.37
C ALA B 150 20.66 15.01 -3.45
N GLY B 151 20.19 15.02 -4.70
CA GLY B 151 21.07 15.24 -5.83
C GLY B 151 21.75 16.58 -5.80
N ALA B 152 23.07 16.57 -5.64
CA ALA B 152 23.86 17.80 -5.54
C ALA B 152 23.98 18.45 -6.91
N VAL B 153 23.91 19.78 -6.93
CA VAL B 153 24.02 20.56 -8.15
C VAL B 153 25.31 21.39 -8.07
N ASN B 154 26.10 21.35 -9.15
CA ASN B 154 27.36 22.08 -9.21
C ASN B 154 27.09 23.45 -9.82
N GLY B 155 26.86 24.43 -8.95
CA GLY B 155 26.54 25.77 -9.39
C GLY B 155 27.74 26.59 -9.81
N LEU B 156 28.78 25.92 -10.31
CA LEU B 156 29.99 26.60 -10.78
C LEU B 156 29.82 27.19 -12.17
N GLY B 157 28.70 26.93 -12.83
CA GLY B 157 28.46 27.47 -14.16
C GLY B 157 27.70 26.50 -15.04
N ALA B 158 27.43 26.92 -16.27
CA ALA B 158 26.70 26.07 -17.21
C ALA B 158 27.64 25.08 -17.88
N GLY B 159 27.05 23.98 -18.36
CA GLY B 159 27.81 22.96 -19.05
C GLY B 159 28.43 21.89 -18.16
N TYR B 160 28.20 21.94 -16.85
CA TYR B 160 28.72 20.95 -15.93
C TYR B 160 27.59 20.00 -15.53
N ASN B 161 27.84 18.70 -15.67
CA ASN B 161 26.81 17.71 -15.36
C ASN B 161 26.45 17.73 -13.88
N GLY B 162 25.18 17.44 -13.59
CA GLY B 162 24.72 17.43 -12.22
C GLY B 162 25.20 16.21 -11.45
N GLY B 163 25.25 16.36 -10.13
CA GLY B 163 25.69 15.26 -9.29
C GLY B 163 24.60 14.22 -9.11
N ALA B 164 25.03 12.95 -9.08
CA ALA B 164 24.10 11.85 -8.92
C ALA B 164 23.62 11.73 -7.47
N GLY B 165 22.42 11.20 -7.30
CA GLY B 165 21.89 11.00 -5.97
C GLY B 165 22.53 9.83 -5.26
N GLY B 166 22.40 9.84 -3.93
CA GLY B 166 22.97 8.77 -3.14
C GLY B 166 22.12 7.51 -3.21
N SER B 167 22.74 6.39 -2.82
CA SER B 167 22.09 5.09 -2.81
C SER B 167 21.75 4.70 -1.38
N THR B 168 20.51 4.28 -1.15
CA THR B 168 20.04 3.88 0.17
C THR B 168 20.03 2.37 0.30
N ALA B 169 20.24 1.89 1.52
CA ALA B 169 20.31 0.47 1.78
C ALA B 169 19.84 0.19 3.20
N ILE B 170 19.11 -0.92 3.36
CA ILE B 170 18.61 -1.33 4.67
C ILE B 170 18.17 -2.79 4.61
N LEU B 171 18.41 -3.53 5.69
CA LEU B 171 18.05 -4.95 5.79
C LEU B 171 18.57 -5.75 4.60
N GLY B 172 19.82 -5.49 4.20
CA GLY B 172 20.45 -6.27 3.17
C GLY B 172 19.97 -6.01 1.76
N THR B 173 19.20 -4.95 1.53
CA THR B 173 18.75 -4.58 0.21
C THR B 173 19.17 -3.16 -0.08
N THR B 174 19.79 -2.95 -1.24
CA THR B 174 20.33 -1.65 -1.62
C THR B 174 19.51 -1.09 -2.79
N ALA B 175 19.15 0.18 -2.70
CA ALA B 175 18.42 0.88 -3.75
C ALA B 175 19.37 1.90 -4.37
N GLY B 176 19.81 1.64 -5.59
CA GLY B 176 20.74 2.54 -6.25
C GLY B 176 20.09 3.88 -6.54
N GLY B 177 20.76 4.96 -6.17
CA GLY B 177 20.23 6.28 -6.43
C GLY B 177 20.30 6.65 -7.89
N GLY B 178 19.47 7.62 -8.26
CA GLY B 178 19.43 8.06 -9.65
C GLY B 178 20.72 8.76 -10.05
N ALA B 179 21.07 8.62 -11.32
CA ALA B 179 22.26 9.26 -11.85
C ALA B 179 21.96 10.70 -12.23
N GLY B 180 22.93 11.59 -11.99
CA GLY B 180 22.73 12.98 -12.29
C GLY B 180 22.70 13.26 -13.78
N GLY B 181 22.10 14.39 -14.13
CA GLY B 181 21.97 14.77 -15.52
C GLY B 181 23.29 15.21 -16.13
N LEU B 182 23.26 15.45 -17.43
CA LEU B 182 24.44 15.84 -18.19
C LEU B 182 24.27 17.25 -18.71
N GLY B 183 25.29 18.09 -18.51
CA GLY B 183 25.28 19.45 -18.99
C GLY B 183 26.16 19.60 -20.22
N VAL B 184 25.62 20.24 -21.25
CA VAL B 184 26.31 20.41 -22.51
C VAL B 184 26.24 21.87 -22.93
N ASN B 185 27.12 22.23 -23.86
CA ASN B 185 27.23 23.61 -24.34
C ASN B 185 26.20 23.79 -25.46
N ASN B 186 26.26 24.91 -26.17
CA ASN B 186 25.30 25.20 -27.23
C ASN B 186 25.43 24.18 -28.36
N ASN B 187 24.34 24.02 -29.11
CA ASN B 187 24.29 23.11 -30.26
C ASN B 187 24.67 21.69 -29.85
N ALA B 188 24.14 21.25 -28.70
CA ALA B 188 24.47 19.93 -28.18
C ALA B 188 23.28 19.40 -27.40
N THR B 189 22.87 18.17 -27.69
CA THR B 189 21.83 17.49 -26.95
C THR B 189 22.46 16.42 -26.07
N ALA B 190 22.15 16.44 -24.78
CA ALA B 190 22.75 15.52 -23.84
C ALA B 190 22.23 14.11 -24.07
N VAL B 191 22.72 13.17 -23.27
CA VAL B 191 22.40 11.76 -23.42
C VAL B 191 21.30 11.41 -22.42
N GLN B 192 20.48 10.42 -22.78
CA GLN B 192 19.42 9.96 -21.91
C GLN B 192 20.01 9.33 -20.66
N VAL B 193 19.91 10.05 -19.54
CA VAL B 193 20.57 9.64 -18.30
C VAL B 193 19.77 8.52 -17.65
N ASN B 194 20.44 7.41 -17.37
CA ASN B 194 19.78 6.27 -16.75
C ASN B 194 19.45 6.57 -15.28
N GLY B 195 18.36 5.97 -14.82
CA GLY B 195 17.92 6.12 -13.45
C GLY B 195 18.56 5.10 -12.54
N GLY B 196 18.05 5.04 -11.31
CA GLY B 196 18.56 4.09 -10.34
C GLY B 196 18.03 2.69 -10.56
N THR B 197 18.59 1.76 -9.79
CA THR B 197 18.18 0.36 -9.84
C THR B 197 18.12 -0.19 -8.42
N THR B 198 17.71 -1.44 -8.32
CA THR B 198 17.67 -2.17 -7.05
C THR B 198 18.71 -3.27 -7.09
N SER B 199 19.53 -3.35 -6.03
CA SER B 199 20.61 -4.31 -5.97
C SER B 199 20.63 -4.99 -4.61
N GLY B 200 21.17 -6.20 -4.56
CA GLY B 200 21.23 -6.96 -3.34
C GLY B 200 20.17 -8.05 -3.26
N THR B 201 19.59 -8.23 -2.08
CA THR B 201 18.51 -9.21 -1.92
C THR B 201 17.30 -8.79 -2.74
N THR B 202 16.71 -9.74 -3.44
CA THR B 202 15.61 -9.44 -4.35
C THR B 202 14.36 -9.05 -3.56
N PRO B 203 13.82 -7.85 -3.77
CA PRO B 203 12.57 -7.48 -3.10
C PRO B 203 11.37 -8.19 -3.72
N GLU B 204 10.27 -8.20 -2.96
CA GLU B 204 9.03 -8.77 -3.48
C GLU B 204 8.54 -8.00 -4.70
N ILE B 205 8.62 -6.68 -4.64
CA ILE B 205 8.36 -5.82 -5.80
C ILE B 205 9.41 -4.72 -5.81
N SER B 206 9.92 -4.40 -7.00
CA SER B 206 10.92 -3.36 -7.16
C SER B 206 10.44 -2.34 -8.18
N TYR B 207 10.74 -1.07 -7.91
CA TYR B 207 10.38 0.03 -8.81
C TYR B 207 11.65 0.66 -9.33
N PRO B 208 12.05 0.37 -10.58
CA PRO B 208 13.20 1.06 -11.16
C PRO B 208 12.88 2.54 -11.38
N GLY B 209 13.75 3.41 -10.86
CA GLY B 209 13.48 4.83 -10.94
C GLY B 209 13.45 5.31 -12.38
N GLY B 210 12.61 6.30 -12.63
CA GLY B 210 12.55 6.89 -13.96
C GLY B 210 13.87 7.49 -14.36
N LEU B 211 14.25 7.27 -15.62
CA LEU B 211 15.53 7.72 -16.12
C LEU B 211 15.40 9.09 -16.77
N GLY B 212 16.47 9.89 -16.64
CA GLY B 212 16.45 11.24 -17.18
C GLY B 212 16.46 11.25 -18.69
N THR B 213 16.00 12.37 -19.24
CA THR B 213 15.83 12.49 -20.69
C THR B 213 16.99 13.28 -21.31
N GLU B 214 16.97 13.38 -22.64
CA GLU B 214 18.06 14.01 -23.35
C GLU B 214 18.11 15.52 -23.11
N GLY B 215 16.94 16.17 -23.13
CA GLY B 215 16.91 17.60 -22.95
C GLY B 215 15.87 18.30 -23.80
N ILE B 216 15.36 17.60 -24.82
CA ILE B 216 14.27 18.15 -25.62
C ILE B 216 13.03 18.33 -24.75
N VAL B 217 12.70 17.32 -23.95
CA VAL B 217 11.62 17.45 -22.98
C VAL B 217 12.16 17.82 -21.60
N GLY B 218 13.32 17.29 -21.24
CA GLY B 218 13.97 17.66 -20.00
C GLY B 218 13.17 17.39 -18.75
N THR B 219 12.58 16.20 -18.64
CA THR B 219 11.79 15.82 -17.47
C THR B 219 12.60 14.87 -16.60
N GLY B 220 12.62 15.14 -15.30
CA GLY B 220 13.33 14.28 -14.38
C GLY B 220 12.50 13.08 -13.98
N GLY B 221 13.16 11.93 -13.90
CA GLY B 221 12.46 10.71 -13.53
C GLY B 221 11.97 10.74 -12.10
N GLY B 222 10.89 10.00 -11.86
CA GLY B 222 10.31 9.90 -10.53
C GLY B 222 10.59 8.56 -9.88
N SER B 223 9.81 8.28 -8.84
CA SER B 223 9.99 7.07 -8.04
C SER B 223 8.62 6.63 -7.53
N VAL B 224 8.64 5.78 -6.50
CA VAL B 224 7.42 5.30 -5.86
C VAL B 224 6.63 6.49 -5.34
N LEU B 225 7.31 7.44 -4.71
CA LEU B 225 6.66 8.62 -4.15
C LEU B 225 6.70 9.84 -5.08
N SER B 226 7.59 9.86 -6.07
CA SER B 226 7.80 11.03 -6.89
C SER B 226 7.36 10.80 -8.32
N GLN B 227 6.93 11.87 -8.96
CA GLN B 227 6.43 11.88 -10.32
C GLN B 227 7.37 12.67 -11.22
N PRO B 228 7.24 12.53 -12.55
CA PRO B 228 8.08 13.33 -13.45
C PRO B 228 7.85 14.81 -13.23
N THR B 229 8.95 15.58 -13.28
CA THR B 229 8.92 17.02 -13.11
C THR B 229 9.36 17.68 -14.40
N GLN B 230 8.61 18.67 -14.86
CA GLN B 230 8.85 19.31 -16.15
C GLN B 230 9.67 20.58 -15.96
N ARG B 231 10.28 21.03 -17.06
CA ARG B 231 11.11 22.22 -17.05
C ARG B 231 10.25 23.48 -16.94
N ALA B 232 10.87 24.55 -16.44
CA ALA B 232 10.23 25.84 -16.31
C ALA B 232 11.04 26.88 -17.06
N PHE B 233 10.41 27.55 -18.03
CA PHE B 233 11.08 28.61 -18.79
C PHE B 233 11.11 29.88 -17.94
N THR B 234 12.21 30.09 -17.22
CA THR B 234 12.36 31.27 -16.39
C THR B 234 13.74 31.89 -16.64
N ASN B 235 13.84 33.18 -16.38
CA ASN B 235 15.08 33.92 -16.60
C ASN B 235 15.78 34.29 -15.29
N ALA B 236 15.32 33.75 -14.15
CA ALA B 236 15.91 34.05 -12.86
C ALA B 236 16.32 32.79 -12.11
N GLY B 237 16.38 31.65 -12.78
CA GLY B 237 16.78 30.41 -12.15
C GLY B 237 15.82 29.92 -11.08
N ASN B 238 14.53 29.95 -11.38
CA ASN B 238 13.54 29.47 -10.41
C ASN B 238 13.73 27.99 -10.10
N ASN B 239 14.26 27.23 -11.07
CA ASN B 239 14.77 25.85 -10.91
C ASN B 239 13.96 25.04 -9.90
N ASN B 240 12.67 24.90 -10.21
CA ASN B 240 11.75 24.18 -9.35
C ASN B 240 12.25 22.76 -9.10
N PRO B 241 12.30 22.31 -7.85
CA PRO B 241 12.94 21.01 -7.55
C PRO B 241 12.03 19.82 -7.80
N ALA B 242 12.50 18.64 -7.44
CA ALA B 242 11.70 17.43 -7.58
C ALA B 242 10.47 17.51 -6.68
N ASN B 243 9.36 16.95 -7.17
CA ASN B 243 8.10 17.07 -6.46
C ASN B 243 8.14 16.33 -5.13
N SER B 244 8.69 15.13 -5.10
CA SER B 244 8.66 14.30 -3.90
C SER B 244 9.99 13.55 -3.76
N TRP B 245 10.04 12.67 -2.77
CA TRP B 245 11.26 11.97 -2.44
C TRP B 245 11.67 11.03 -3.57
N GLY B 246 12.95 11.07 -3.94
CA GLY B 246 13.48 10.21 -4.97
C GLY B 246 13.40 10.77 -6.37
N GLY B 247 12.70 11.88 -6.58
CA GLY B 247 12.59 12.45 -7.91
C GLY B 247 13.85 13.17 -8.33
N GLY B 248 13.97 13.39 -9.64
CA GLY B 248 15.10 14.09 -10.22
C GLY B 248 14.67 15.40 -10.82
N GLY B 249 15.55 16.40 -10.71
CA GLY B 249 15.27 17.72 -11.22
C GLY B 249 15.14 17.74 -12.72
N PRO B 250 14.26 18.60 -13.24
CA PRO B 250 14.09 18.72 -14.70
C PRO B 250 15.34 19.22 -15.41
N GLY B 251 16.28 19.82 -14.70
CA GLY B 251 17.48 20.34 -15.33
C GLY B 251 17.28 21.72 -15.92
N GLY B 252 18.31 22.19 -16.60
CA GLY B 252 18.27 23.52 -17.19
C GLY B 252 17.54 23.54 -18.52
N SER B 253 17.05 24.73 -18.86
CA SER B 253 16.44 24.99 -20.16
C SER B 253 17.21 26.11 -20.85
N ASP B 254 16.74 26.49 -22.03
CA ASP B 254 17.46 27.45 -22.86
C ASP B 254 16.45 28.27 -23.66
N PHE B 255 16.33 29.55 -23.34
CA PHE B 255 15.41 30.45 -24.03
C PHE B 255 15.75 31.88 -23.65
N GLY B 256 15.68 32.77 -24.65
CA GLY B 256 15.81 34.20 -24.40
C GLY B 256 17.13 34.62 -23.79
N GLY B 257 18.22 33.96 -24.15
CA GLY B 257 19.54 34.34 -23.64
C GLY B 257 19.66 34.24 -22.14
N ALA B 258 19.15 33.17 -21.54
CA ALA B 258 19.21 32.98 -20.09
C ALA B 258 19.71 31.56 -19.81
N TRP B 259 20.44 31.41 -18.70
CA TRP B 259 21.01 30.13 -18.31
C TRP B 259 20.28 29.62 -17.07
N GLN B 260 19.76 28.40 -17.15
CA GLN B 260 19.07 27.80 -16.00
C GLN B 260 20.03 26.91 -15.23
N PRO B 261 20.18 27.13 -13.92
CA PRO B 261 21.10 26.28 -13.15
C PRO B 261 20.75 24.81 -13.17
N GLY B 262 19.46 24.48 -13.20
CA GLY B 262 19.05 23.09 -13.22
C GLY B 262 18.20 22.70 -12.02
N GLY B 263 17.38 21.66 -12.19
CA GLY B 263 16.51 21.24 -11.12
C GLY B 263 17.27 20.56 -9.99
N VAL B 264 16.57 20.40 -8.86
CA VAL B 264 17.13 19.81 -7.66
C VAL B 264 16.39 18.51 -7.37
N GLY B 265 17.13 17.44 -7.14
CA GLY B 265 16.53 16.15 -6.85
C GLY B 265 16.41 15.92 -5.35
N LYS B 266 15.22 15.50 -4.92
CA LYS B 266 14.97 15.27 -3.51
C LYS B 266 15.63 13.97 -3.05
N GLN B 267 15.88 13.89 -1.75
CA GLN B 267 16.55 12.73 -1.16
C GLN B 267 15.56 11.57 -1.03
N GLY B 268 16.06 10.44 -0.55
CA GLY B 268 15.25 9.28 -0.31
C GLY B 268 14.92 9.10 1.16
N ILE B 269 13.88 8.30 1.43
CA ILE B 269 13.39 8.06 2.78
C ILE B 269 13.21 6.56 2.98
N ILE B 270 13.08 6.18 4.25
CA ILE B 270 12.92 4.79 4.65
C ILE B 270 11.64 4.69 5.46
N ILE B 271 10.80 3.71 5.14
CA ILE B 271 9.55 3.47 5.85
C ILE B 271 9.56 2.06 6.40
N VAL B 272 9.31 1.92 7.70
CA VAL B 272 9.22 0.63 8.36
C VAL B 272 8.02 0.65 9.30
N GLN B 273 7.31 -0.46 9.38
CA GLN B 273 6.14 -0.58 10.25
C GLN B 273 6.23 -1.85 11.07
N TYR B 274 5.70 -1.77 12.29
CA TYR B 274 5.78 -2.86 13.26
C TYR B 274 4.81 -2.58 14.39
N PHE B 275 4.33 -3.67 15.01
CA PHE B 275 3.37 -3.59 16.10
C PHE B 275 4.10 -3.82 17.41
N SER B 276 4.16 -2.78 18.25
CA SER B 276 4.83 -2.86 19.53
C SER B 276 4.05 -2.07 20.56
N ARG B 277 4.23 -2.45 21.83
CA ARG B 277 3.58 -1.78 22.93
C ARG B 277 4.36 -0.60 23.47
N PHE B 278 5.61 -0.42 23.05
CA PHE B 278 6.52 0.54 23.64
C PHE B 278 6.55 1.83 22.82
N ALA B 279 7.40 2.75 23.22
CA ALA B 279 7.50 4.03 22.53
C ALA B 279 8.18 3.85 21.18
N PRO B 280 7.52 4.21 20.07
CA PRO B 280 8.09 4.08 18.72
C PRO B 280 9.29 4.98 18.49
N MET C 1 -26.14 -28.36 18.35
CA MET C 1 -25.86 -27.67 19.61
C MET C 1 -24.72 -26.67 19.43
N ALA C 2 -24.87 -25.76 18.47
CA ALA C 2 -23.82 -24.79 18.19
C ALA C 2 -23.82 -23.67 19.21
N SER C 3 -24.87 -22.88 19.25
CA SER C 3 -24.92 -21.71 20.13
C SER C 3 -25.04 -22.17 21.58
N ILE C 4 -24.17 -21.63 22.44
CA ILE C 4 -24.18 -22.00 23.84
C ILE C 4 -24.32 -20.82 24.79
N ASN C 5 -23.88 -19.61 24.41
CA ASN C 5 -24.00 -18.41 25.23
C ASN C 5 -23.39 -18.65 26.62
N LEU C 6 -22.07 -18.81 26.61
CA LEU C 6 -21.39 -19.35 27.79
C LEU C 6 -20.50 -18.35 28.53
N PRO C 7 -21.07 -17.35 29.21
CA PRO C 7 -20.41 -16.84 30.42
C PRO C 7 -20.90 -17.64 31.61
N PHE C 8 -19.99 -18.19 32.41
CA PHE C 8 -20.36 -19.21 33.38
C PHE C 8 -21.16 -18.63 34.53
N SER C 9 -20.62 -17.62 35.22
CA SER C 9 -21.25 -17.12 36.42
C SER C 9 -22.54 -16.36 36.12
N LEU C 10 -22.42 -15.25 35.40
CA LEU C 10 -23.55 -14.34 35.14
C LEU C 10 -24.27 -14.01 36.44
N SER C 11 -23.55 -13.31 37.31
CA SER C 11 -24.02 -12.97 38.66
C SER C 11 -24.30 -14.23 39.47
N GLY C 12 -23.26 -15.04 39.64
CA GLY C 12 -23.35 -16.28 40.37
C GLY C 12 -22.48 -16.31 41.61
N SER C 13 -22.49 -15.21 42.38
CA SER C 13 -21.72 -15.08 43.62
C SER C 13 -20.22 -15.24 43.34
N LYS C 14 -19.69 -14.28 42.58
CA LYS C 14 -18.28 -14.26 42.25
C LYS C 14 -17.48 -13.56 43.36
N ARG C 15 -16.15 -13.70 43.28
CA ARG C 15 -15.26 -13.04 44.22
C ARG C 15 -13.88 -12.85 43.61
N ILE C 16 -13.14 -11.86 44.08
CA ILE C 16 -11.74 -11.72 43.65
C ILE C 16 -10.90 -12.76 44.38
N PRO C 17 -9.94 -13.41 43.72
CA PRO C 17 -9.05 -14.33 44.43
C PRO C 17 -8.10 -13.60 45.37
N THR C 18 -7.68 -14.30 46.41
CA THR C 18 -6.77 -13.73 47.39
C THR C 18 -5.34 -13.71 46.85
N SER C 19 -4.49 -12.92 47.50
CA SER C 19 -3.10 -12.81 47.07
C SER C 19 -2.36 -14.13 47.21
N GLU C 20 -2.61 -14.86 48.31
CA GLU C 20 -1.94 -16.14 48.51
C GLU C 20 -2.35 -17.15 47.44
N GLU C 21 -3.64 -17.17 47.08
CA GLU C 21 -4.10 -18.11 46.06
C GLU C 21 -3.50 -17.79 44.69
N LEU C 22 -2.93 -16.61 44.50
CA LEU C 22 -2.13 -16.32 43.33
C LEU C 22 -0.66 -16.64 43.52
N ALA C 23 -0.15 -16.48 44.76
CA ALA C 23 1.22 -16.87 45.04
C ALA C 23 1.36 -18.40 45.05
N ASP C 24 0.48 -19.08 45.75
CA ASP C 24 0.46 -20.55 45.81
C ASP C 24 -0.89 -21.05 45.29
N GLY C 25 -0.97 -22.36 45.07
CA GLY C 25 -2.15 -22.97 44.48
C GLY C 25 -3.33 -23.03 45.44
N TYR C 26 -4.25 -23.95 45.13
CA TYR C 26 -5.43 -24.16 45.94
C TYR C 26 -5.05 -24.57 47.36
N GLN C 27 -5.80 -24.04 48.33
CA GLN C 27 -5.64 -24.47 49.71
C GLN C 27 -6.17 -25.90 49.86
N CYS C 28 -5.50 -26.70 50.69
CA CYS C 28 -5.85 -28.10 50.84
C CYS C 28 -7.14 -28.30 51.65
N GLY C 29 -7.66 -27.26 52.29
CA GLY C 29 -8.86 -27.36 53.07
C GLY C 29 -10.10 -27.55 52.22
N PRO C 30 -11.27 -27.31 52.80
CA PRO C 30 -12.52 -27.43 52.05
C PRO C 30 -12.54 -26.48 50.86
N LEU C 31 -13.09 -26.97 49.74
CA LEU C 31 -13.15 -26.18 48.52
C LEU C 31 -14.16 -25.04 48.68
N ASP C 32 -13.99 -24.01 47.86
CA ASP C 32 -14.87 -22.84 47.86
C ASP C 32 -15.30 -22.55 46.43
N VAL C 33 -16.54 -22.93 46.10
CA VAL C 33 -17.06 -22.67 44.76
C VAL C 33 -17.16 -21.17 44.51
N GLU C 34 -17.22 -20.38 45.59
CA GLU C 34 -17.21 -18.92 45.45
C GLU C 34 -16.00 -18.44 44.66
N LEU C 35 -14.87 -19.16 44.78
CA LEU C 35 -13.65 -18.81 44.07
C LEU C 35 -13.58 -19.38 42.67
N ASP C 36 -13.81 -20.69 42.52
CA ASP C 36 -13.71 -21.32 41.21
C ASP C 36 -14.78 -20.80 40.25
N ASN C 37 -15.93 -20.37 40.77
CA ASN C 37 -16.93 -19.77 39.91
C ASN C 37 -16.37 -18.56 39.17
N TRP C 38 -15.77 -17.62 39.90
CA TRP C 38 -15.13 -16.48 39.26
C TRP C 38 -13.95 -16.93 38.42
N LEU C 39 -13.16 -17.88 38.91
CA LEU C 39 -11.97 -18.30 38.19
C LEU C 39 -12.29 -18.83 36.80
N MET C 40 -13.39 -19.55 36.65
CA MET C 40 -13.78 -20.06 35.34
C MET C 40 -14.64 -19.10 34.56
N TRP C 41 -15.42 -18.26 35.25
CA TRP C 41 -16.19 -17.22 34.57
C TRP C 41 -15.28 -16.24 33.86
N TRP C 42 -14.17 -15.87 34.49
CA TRP C 42 -13.24 -14.95 33.85
C TRP C 42 -12.69 -15.53 32.55
N LEU C 43 -12.21 -16.77 32.61
CA LEU C 43 -11.63 -17.39 31.41
C LEU C 43 -12.67 -17.55 30.31
N THR C 44 -13.86 -18.07 30.64
CA THR C 44 -14.87 -18.25 29.61
C THR C 44 -15.37 -16.92 29.07
N GLY C 45 -15.40 -15.88 29.90
CA GLY C 45 -15.78 -14.56 29.42
C GLY C 45 -14.75 -13.98 28.46
N GLN C 46 -13.47 -14.16 28.78
CA GLN C 46 -12.44 -13.73 27.83
C GLN C 46 -12.58 -14.47 26.51
N VAL C 47 -12.78 -15.80 26.57
CA VAL C 47 -12.81 -16.59 25.34
C VAL C 47 -14.02 -16.22 24.48
N ASP C 48 -15.21 -16.16 25.08
CA ASP C 48 -16.38 -15.84 24.26
C ASP C 48 -16.43 -14.36 23.89
N GLY C 49 -15.72 -13.50 24.63
CA GLY C 49 -15.53 -12.14 24.15
C GLY C 49 -14.70 -12.09 22.89
N VAL C 50 -13.64 -12.91 22.83
CA VAL C 50 -12.90 -13.06 21.57
C VAL C 50 -13.81 -13.57 20.48
N ILE C 51 -14.66 -14.56 20.80
CA ILE C 51 -15.54 -15.14 19.79
C ILE C 51 -16.51 -14.10 19.24
N GLU C 52 -17.12 -13.31 20.13
CA GLU C 52 -18.09 -12.31 19.69
C GLU C 52 -17.44 -11.09 19.06
N GLY C 53 -16.16 -10.85 19.34
CA GLY C 53 -15.48 -9.69 18.78
C GLY C 53 -15.46 -9.69 17.26
N ALA C 54 -15.47 -10.88 16.66
CA ALA C 54 -15.54 -11.02 15.21
C ALA C 54 -16.94 -11.38 14.72
N GLY C 55 -17.94 -11.30 15.60
CA GLY C 55 -19.30 -11.63 15.21
C GLY C 55 -19.55 -13.08 14.90
N LEU C 56 -18.97 -14.00 15.68
CA LEU C 56 -19.19 -15.43 15.52
C LEU C 56 -19.97 -15.98 16.71
N THR C 57 -20.86 -16.91 16.42
CA THR C 57 -21.63 -17.57 17.46
C THR C 57 -20.76 -18.59 18.18
N THR C 58 -20.68 -18.45 19.51
CA THR C 58 -19.88 -19.36 20.31
C THR C 58 -20.38 -20.80 20.14
N ASP C 59 -19.45 -21.71 19.92
CA ASP C 59 -19.77 -23.11 19.68
C ASP C 59 -19.15 -23.97 20.77
N ASP C 60 -19.74 -25.15 20.99
CA ASP C 60 -19.22 -26.07 21.99
C ASP C 60 -18.31 -27.14 21.37
N THR C 61 -18.72 -27.72 20.24
CA THR C 61 -18.01 -28.84 19.65
C THR C 61 -17.05 -28.44 18.54
N ASP C 62 -17.16 -27.21 18.03
CA ASP C 62 -16.26 -26.78 16.95
C ASP C 62 -14.82 -26.74 17.41
N LEU C 63 -14.59 -26.25 18.62
CA LEU C 63 -13.32 -26.14 19.35
C LEU C 63 -12.30 -25.30 18.60
N ALA C 64 -12.63 -24.75 17.44
CA ALA C 64 -11.73 -23.87 16.71
C ALA C 64 -12.31 -22.48 16.50
N ARG C 65 -13.53 -22.39 15.97
CA ARG C 65 -14.17 -21.11 15.66
C ARG C 65 -13.27 -20.24 14.79
N LEU C 66 -12.64 -20.87 13.79
CA LEU C 66 -11.69 -20.20 12.91
C LEU C 66 -10.58 -19.53 13.72
N TYR C 67 -9.85 -20.38 14.44
CA TYR C 67 -8.77 -19.96 15.33
C TYR C 67 -9.27 -18.95 16.36
N LYS C 68 -10.38 -19.31 16.99
CA LYS C 68 -11.05 -18.44 17.98
C LYS C 68 -11.39 -17.09 17.36
N ALA C 69 -11.82 -17.11 16.09
CA ALA C 69 -12.22 -15.92 15.34
C ALA C 69 -11.08 -14.92 15.18
N ILE C 70 -9.87 -15.30 15.58
CA ILE C 70 -8.71 -14.45 15.34
C ILE C 70 -8.36 -14.42 13.85
N GLN C 71 -8.49 -15.55 13.16
CA GLN C 71 -8.27 -15.56 11.72
C GLN C 71 -9.25 -14.63 11.01
N SER C 72 -10.49 -14.58 11.49
CA SER C 72 -11.45 -13.63 10.94
C SER C 72 -11.33 -12.26 11.57
N MET C 73 -10.45 -12.10 12.55
CA MET C 73 -10.26 -10.78 13.17
C MET C 73 -9.11 -10.02 12.52
N THR C 74 -8.07 -10.74 12.09
CA THR C 74 -6.94 -10.09 11.42
C THR C 74 -7.10 -10.13 9.90
N SER C 75 -7.18 -11.33 9.33
CA SER C 75 -7.36 -11.48 7.89
C SER C 75 -8.76 -11.12 7.43
N GLY C 76 -9.79 -11.73 8.03
CA GLY C 76 -11.15 -11.33 7.75
C GLY C 76 -11.52 -10.06 8.48
N ASN C 77 -12.78 -9.64 8.30
CA ASN C 77 -13.30 -8.42 8.91
C ASN C 77 -12.48 -7.20 8.52
N LEU C 78 -11.88 -7.22 7.34
CA LEU C 78 -11.18 -6.06 6.80
C LEU C 78 -12.12 -5.31 5.89
N ARG C 79 -12.52 -4.10 6.31
CA ARG C 79 -13.53 -3.32 5.61
C ARG C 79 -12.87 -2.12 4.96
N THR C 80 -13.15 -1.91 3.68
CA THR C 80 -12.65 -0.76 2.94
C THR C 80 -13.82 0.12 2.55
N VAL C 81 -13.72 1.40 2.91
CA VAL C 81 -14.79 2.37 2.67
C VAL C 81 -14.24 3.46 1.77
N VAL C 82 -14.87 3.66 0.62
CA VAL C 82 -14.46 4.65 -0.36
C VAL C 82 -15.43 5.82 -0.28
N LEU C 83 -14.91 6.99 0.09
CA LEU C 83 -15.71 8.19 0.22
C LEU C 83 -15.57 9.02 -1.06
N THR C 84 -16.70 9.27 -1.73
CA THR C 84 -16.70 9.99 -2.99
C THR C 84 -17.57 11.24 -2.97
N ALA C 85 -18.62 11.28 -2.15
CA ALA C 85 -19.50 12.43 -2.09
C ALA C 85 -18.76 13.62 -1.50
N ALA C 86 -18.99 14.81 -2.09
CA ALA C 86 -18.30 16.01 -1.63
C ALA C 86 -18.67 16.40 -0.20
N SER C 87 -19.86 16.02 0.24
CA SER C 87 -20.29 16.32 1.61
C SER C 87 -20.98 15.09 2.19
N GLY C 88 -20.57 14.69 3.37
CA GLY C 88 -21.14 13.51 4.02
C GLY C 88 -20.41 13.22 5.30
N ASN C 89 -20.84 12.14 5.95
CA ASN C 89 -20.28 11.71 7.23
C ASN C 89 -19.84 10.26 7.14
N LEU C 90 -18.89 9.89 7.99
CA LEU C 90 -18.39 8.53 8.04
C LEU C 90 -18.95 7.82 9.26
N PRO C 91 -19.86 6.86 9.11
CA PRO C 91 -20.39 6.14 10.27
C PRO C 91 -19.37 5.14 10.79
N ILE C 92 -18.83 5.42 11.97
CA ILE C 92 -17.83 4.57 12.61
C ILE C 92 -18.58 3.55 13.46
N PRO C 93 -18.48 2.25 13.18
CA PRO C 93 -19.17 1.25 14.00
C PRO C 93 -18.67 1.29 15.45
N SER C 94 -19.46 0.65 16.32
CA SER C 94 -19.19 0.70 17.75
C SER C 94 -17.85 0.05 18.10
N ASP C 95 -17.54 -1.07 17.45
CA ASP C 95 -16.34 -1.83 17.78
C ASP C 95 -15.08 -1.31 17.09
N VAL C 96 -15.08 -0.05 16.65
CA VAL C 96 -13.91 0.56 16.02
C VAL C 96 -13.31 1.56 16.99
N SER C 97 -12.02 1.39 17.28
CA SER C 97 -11.31 2.32 18.15
C SER C 97 -10.15 3.03 17.46
N VAL C 98 -9.56 2.45 16.42
CA VAL C 98 -8.47 3.07 15.68
C VAL C 98 -8.69 2.81 14.19
N LEU C 99 -8.48 3.83 13.38
CA LEU C 99 -8.62 3.75 11.93
C LEU C 99 -7.24 3.85 11.31
N ASN C 100 -6.91 2.91 10.42
CA ASN C 100 -5.57 2.82 9.86
C ASN C 100 -5.62 2.93 8.34
N TRP C 101 -4.55 3.52 7.79
CA TRP C 101 -4.38 3.70 6.34
C TRP C 101 -5.53 4.52 5.76
N VAL C 102 -5.59 5.77 6.20
CA VAL C 102 -6.63 6.71 5.71
C VAL C 102 -6.03 7.38 4.47
N ARG C 103 -6.17 6.70 3.34
CA ARG C 103 -5.69 7.26 2.08
C ARG C 103 -6.63 8.36 1.61
N ALA C 104 -6.06 9.52 1.30
CA ALA C 104 -6.84 10.68 0.87
C ALA C 104 -6.16 11.35 -0.30
N VAL C 105 -6.94 11.76 -1.28
CA VAL C 105 -6.43 12.41 -2.49
C VAL C 105 -7.29 13.65 -2.76
N GLY C 106 -6.63 14.73 -3.19
CA GLY C 106 -7.35 15.91 -3.60
C GLY C 106 -7.55 15.98 -5.11
N GLY C 107 -8.62 16.66 -5.51
CA GLY C 107 -8.93 16.77 -6.92
C GLY C 107 -8.02 17.77 -7.64
N GLY C 108 -7.74 17.48 -8.90
CA GLY C 108 -6.88 18.34 -9.68
C GLY C 108 -7.65 19.24 -10.64
N GLY C 109 -7.07 20.41 -10.90
CA GLY C 109 -7.69 21.37 -11.78
C GLY C 109 -7.59 21.00 -13.25
N ALA C 110 -8.26 21.78 -14.09
CA ALA C 110 -8.28 21.53 -15.52
C ALA C 110 -7.32 22.48 -16.23
N GLY C 111 -7.10 22.20 -17.52
CA GLY C 111 -6.19 23.00 -18.31
C GLY C 111 -6.81 24.29 -18.80
N GLY C 112 -5.95 25.21 -19.24
CA GLY C 112 -6.38 26.49 -19.72
C GLY C 112 -6.97 26.41 -21.12
N ASN C 113 -7.19 27.58 -21.70
CA ASN C 113 -7.79 27.70 -23.02
C ASN C 113 -6.87 28.47 -23.95
N SER C 114 -6.76 28.00 -25.19
CA SER C 114 -5.93 28.61 -26.21
C SER C 114 -6.80 28.96 -27.42
N ASN C 115 -6.53 30.12 -28.02
CA ASN C 115 -7.30 30.60 -29.15
C ASN C 115 -6.69 30.08 -30.46
N THR C 116 -7.15 30.63 -31.58
CA THR C 116 -6.70 30.21 -32.91
C THR C 116 -5.39 30.89 -33.29
N GLY C 117 -4.33 30.49 -32.58
CA GLY C 117 -3.02 31.08 -32.81
C GLY C 117 -1.91 30.07 -32.98
N ASN C 118 -0.83 30.24 -32.21
CA ASN C 118 0.35 29.38 -32.32
C ASN C 118 0.78 28.79 -30.99
N SER C 119 0.62 29.51 -29.89
CA SER C 119 1.14 29.10 -28.59
C SER C 119 0.04 28.44 -27.75
N LYS C 120 0.42 27.36 -27.09
CA LYS C 120 -0.49 26.50 -26.35
C LYS C 120 -0.73 27.04 -24.95
N ALA C 121 -1.54 26.30 -24.19
CA ALA C 121 -1.93 26.67 -22.84
C ALA C 121 -1.32 25.70 -21.82
N SER C 122 -1.40 26.09 -20.56
CA SER C 122 -0.85 25.29 -19.48
C SER C 122 -1.79 24.15 -19.11
N GLY C 123 -1.22 22.98 -18.85
CA GLY C 123 -2.01 21.85 -18.40
C GLY C 123 -2.48 22.04 -16.97
N GLY C 124 -3.59 21.37 -16.64
CA GLY C 124 -4.13 21.48 -15.30
C GLY C 124 -3.24 20.84 -14.26
N GLY C 125 -3.26 21.42 -13.07
CA GLY C 125 -2.48 20.87 -11.97
C GLY C 125 -3.14 19.65 -11.34
N GLY C 126 -2.34 18.92 -10.57
CA GLY C 126 -2.81 17.73 -9.89
C GLY C 126 -2.98 17.95 -8.41
N GLY C 127 -3.99 17.30 -7.84
CA GLY C 127 -4.26 17.42 -6.42
C GLY C 127 -3.26 16.61 -5.60
N ALA C 128 -2.99 17.09 -4.39
CA ALA C 128 -2.04 16.43 -3.50
C ALA C 128 -2.71 15.23 -2.85
N GLY C 129 -2.01 14.59 -1.92
CA GLY C 129 -2.55 13.46 -1.21
C GLY C 129 -1.64 13.06 -0.07
N PHE C 130 -2.18 12.23 0.82
CA PHE C 130 -1.44 11.80 2.00
C PHE C 130 -2.00 10.47 2.48
N ASP C 131 -1.23 9.80 3.32
CA ASP C 131 -1.65 8.58 3.99
C ASP C 131 -1.37 8.71 5.47
N ARG C 132 -2.36 8.37 6.30
CA ARG C 132 -2.20 8.40 7.75
C ARG C 132 -2.51 7.02 8.28
N PHE C 133 -1.61 6.49 9.11
CA PHE C 133 -1.71 5.12 9.62
C PHE C 133 -2.08 5.15 11.10
N ASN C 134 -3.06 4.33 11.47
CA ASN C 134 -3.49 4.17 12.87
C ASN C 134 -3.92 5.51 13.46
N VAL C 135 -4.99 6.06 12.89
CA VAL C 135 -5.58 7.31 13.35
C VAL C 135 -6.55 7.01 14.47
N ALA C 136 -6.48 7.78 15.55
CA ALA C 136 -7.38 7.60 16.68
C ALA C 136 -8.76 8.11 16.33
N VAL C 137 -9.76 7.23 16.40
CA VAL C 137 -11.13 7.56 16.06
C VAL C 137 -12.06 6.99 17.12
N THR C 138 -12.95 7.82 17.65
CA THR C 138 -13.90 7.41 18.67
C THR C 138 -15.13 6.78 18.04
N PRO C 139 -15.71 5.77 18.68
CA PRO C 139 -16.90 5.12 18.13
C PRO C 139 -18.10 6.08 18.10
N GLY C 140 -18.97 5.85 17.12
CA GLY C 140 -20.14 6.69 16.96
C GLY C 140 -20.25 7.28 15.56
N SER C 141 -20.33 8.61 15.49
CA SER C 141 -20.33 9.31 14.21
C SER C 141 -19.07 10.17 14.10
N ASN C 142 -18.30 9.94 13.05
CA ASN C 142 -17.05 10.65 12.85
C ASN C 142 -17.32 12.09 12.39
N VAL C 143 -16.31 12.93 12.55
CA VAL C 143 -16.37 14.29 12.00
C VAL C 143 -16.60 14.19 10.49
N PRO C 144 -17.54 14.94 9.93
CA PRO C 144 -17.88 14.74 8.52
C PRO C 144 -16.69 14.93 7.60
N TYR C 145 -16.60 14.07 6.60
CA TYR C 145 -15.51 14.12 5.64
C TYR C 145 -15.85 15.07 4.49
N THR C 146 -14.80 15.59 3.85
CA THR C 146 -14.93 16.48 2.70
C THR C 146 -13.93 16.02 1.65
N VAL C 147 -14.42 15.60 0.49
CA VAL C 147 -13.55 15.26 -0.63
C VAL C 147 -13.52 16.44 -1.59
N GLY C 148 -12.45 16.51 -2.37
CA GLY C 148 -12.30 17.60 -3.30
C GLY C 148 -13.23 17.49 -4.49
N ALA C 149 -13.41 18.61 -5.17
CA ALA C 149 -14.21 18.67 -6.39
C ALA C 149 -13.34 18.33 -7.60
N ALA C 150 -14.01 18.05 -8.71
CA ALA C 150 -13.31 17.71 -9.94
C ALA C 150 -12.68 18.97 -10.55
N GLY C 151 -12.07 18.81 -11.71
CA GLY C 151 -11.47 19.93 -12.41
C GLY C 151 -12.47 20.67 -13.27
N ALA C 152 -12.96 21.80 -12.77
CA ALA C 152 -13.95 22.56 -13.49
C ALA C 152 -13.38 23.11 -14.79
N VAL C 153 -14.20 23.11 -15.85
CA VAL C 153 -13.82 23.66 -17.14
C VAL C 153 -14.67 24.90 -17.40
N ASN C 154 -14.02 26.03 -17.65
CA ASN C 154 -14.72 27.25 -18.01
C ASN C 154 -14.95 27.20 -19.52
N GLY C 155 -15.97 26.43 -19.92
CA GLY C 155 -16.22 26.19 -21.33
C GLY C 155 -16.87 27.34 -22.07
N LEU C 156 -16.75 28.55 -21.53
CA LEU C 156 -17.31 29.72 -22.20
C LEU C 156 -16.63 29.96 -23.54
N GLY C 157 -15.32 29.80 -23.59
CA GLY C 157 -14.59 30.02 -24.82
C GLY C 157 -13.09 30.00 -24.58
N ALA C 158 -12.35 30.16 -25.67
CA ALA C 158 -10.90 30.13 -25.60
C ALA C 158 -10.37 31.37 -24.89
N GLY C 159 -9.11 31.30 -24.50
CA GLY C 159 -8.46 32.43 -23.85
C GLY C 159 -8.95 32.72 -22.46
N TYR C 160 -9.45 31.73 -21.74
CA TYR C 160 -9.92 31.91 -20.37
C TYR C 160 -9.32 30.83 -19.48
N ASN C 161 -9.07 31.20 -18.22
CA ASN C 161 -8.47 30.27 -17.28
C ASN C 161 -9.43 29.13 -16.95
N GLY C 162 -8.85 27.94 -16.72
CA GLY C 162 -9.64 26.81 -16.30
C GLY C 162 -10.10 26.91 -14.86
N GLY C 163 -11.06 26.06 -14.50
CA GLY C 163 -11.59 26.07 -13.16
C GLY C 163 -10.58 25.54 -12.15
N ALA C 164 -10.71 26.00 -10.91
CA ALA C 164 -9.82 25.57 -9.84
C ALA C 164 -10.24 24.21 -9.32
N GLY C 165 -9.30 23.55 -8.63
CA GLY C 165 -9.57 22.25 -8.05
C GLY C 165 -10.07 22.34 -6.62
N GLY C 166 -10.83 21.33 -6.22
CA GLY C 166 -11.38 21.27 -4.88
C GLY C 166 -10.47 20.52 -3.92
N SER C 167 -10.36 21.05 -2.71
CA SER C 167 -9.52 20.45 -1.68
C SER C 167 -10.31 19.44 -0.86
N THR C 168 -9.59 18.48 -0.29
CA THR C 168 -10.17 17.45 0.57
C THR C 168 -9.58 17.56 1.97
N ALA C 169 -10.39 17.25 2.97
CA ALA C 169 -9.97 17.33 4.36
C ALA C 169 -10.67 16.26 5.17
N ILE C 170 -9.93 15.65 6.10
CA ILE C 170 -10.48 14.63 6.97
C ILE C 170 -9.56 14.46 8.17
N LEU C 171 -10.15 14.30 9.34
CA LEU C 171 -9.43 14.01 10.59
C LEU C 171 -8.35 15.05 10.88
N GLY C 172 -8.67 16.32 10.60
CA GLY C 172 -7.74 17.40 10.86
C GLY C 172 -6.60 17.52 9.87
N THR C 173 -6.61 16.77 8.77
CA THR C 173 -5.60 16.86 7.74
C THR C 173 -6.28 17.22 6.42
N THR C 174 -5.66 18.14 5.68
CA THR C 174 -6.23 18.67 4.45
C THR C 174 -5.25 18.48 3.30
N ALA C 175 -5.74 17.93 2.20
CA ALA C 175 -4.95 17.78 0.98
C ALA C 175 -5.51 18.73 -0.07
N GLY C 176 -4.82 19.85 -0.28
CA GLY C 176 -5.33 20.86 -1.18
C GLY C 176 -5.34 20.41 -2.63
N GLY C 177 -6.26 20.99 -3.40
CA GLY C 177 -6.38 20.67 -4.80
C GLY C 177 -5.50 21.54 -5.67
N GLY C 178 -5.23 21.06 -6.89
CA GLY C 178 -4.38 21.78 -7.80
C GLY C 178 -5.15 22.85 -8.55
N ALA C 179 -4.55 24.05 -8.63
CA ALA C 179 -5.17 25.15 -9.35
C ALA C 179 -5.23 24.85 -10.85
N GLY C 180 -6.28 25.35 -11.50
CA GLY C 180 -6.47 25.10 -12.91
C GLY C 180 -5.48 25.85 -13.78
N GLY C 181 -5.41 25.42 -15.04
CA GLY C 181 -4.51 26.03 -15.98
C GLY C 181 -4.93 27.44 -16.36
N LEU C 182 -3.94 28.22 -16.80
CA LEU C 182 -4.18 29.60 -17.18
C LEU C 182 -4.63 29.70 -18.64
N GLY C 183 -5.52 30.65 -18.90
CA GLY C 183 -5.97 30.92 -20.25
C GLY C 183 -5.02 31.88 -20.95
N VAL C 184 -4.74 31.59 -22.22
CA VAL C 184 -3.75 32.33 -22.98
C VAL C 184 -4.33 32.80 -24.30
N ASN C 185 -3.75 33.86 -24.83
CA ASN C 185 -4.03 34.34 -26.18
C ASN C 185 -2.99 33.76 -27.13
N ASN C 186 -2.99 34.24 -28.36
CA ASN C 186 -2.01 33.78 -29.33
C ASN C 186 -0.67 34.49 -29.14
N ASN C 187 0.39 33.83 -29.61
CA ASN C 187 1.75 34.38 -29.59
C ASN C 187 2.26 34.58 -28.16
N ALA C 188 1.86 33.69 -27.25
CA ALA C 188 2.32 33.75 -25.87
C ALA C 188 2.04 32.43 -25.15
N THR C 189 3.07 31.85 -24.52
CA THR C 189 2.93 30.58 -23.82
C THR C 189 2.62 30.83 -22.35
N ALA C 190 1.86 29.91 -21.77
CA ALA C 190 1.38 30.06 -20.41
C ALA C 190 2.53 29.91 -19.40
N VAL C 191 2.22 30.22 -18.14
CA VAL C 191 3.13 30.03 -17.02
C VAL C 191 2.55 28.93 -16.15
N GLN C 192 3.39 27.97 -15.77
CA GLN C 192 2.90 26.82 -15.01
C GLN C 192 2.36 27.26 -13.66
N VAL C 193 1.39 26.50 -13.16
CA VAL C 193 0.82 26.74 -11.85
C VAL C 193 1.07 25.51 -10.98
N ASN C 194 1.41 25.76 -9.72
CA ASN C 194 1.75 24.68 -8.80
C ASN C 194 0.55 23.76 -8.58
N GLY C 195 0.86 22.55 -8.14
CA GLY C 195 -0.14 21.52 -7.92
C GLY C 195 -0.70 21.56 -6.52
N GLY C 196 -1.16 20.39 -6.06
CA GLY C 196 -1.74 20.30 -4.74
C GLY C 196 -0.73 20.56 -3.64
N THR C 197 -1.26 20.97 -2.49
CA THR C 197 -0.44 21.30 -1.33
C THR C 197 -0.99 20.61 -0.09
N THR C 198 -0.09 20.08 0.73
CA THR C 198 -0.44 19.44 1.99
C THR C 198 -0.59 20.50 3.07
N SER C 199 -1.67 20.40 3.84
CA SER C 199 -1.98 21.38 4.88
C SER C 199 -2.66 20.69 6.05
N GLY C 200 -2.66 21.37 7.19
CA GLY C 200 -3.29 20.84 8.38
C GLY C 200 -2.35 20.07 9.26
N THR C 201 -2.86 19.05 9.96
CA THR C 201 -2.01 18.20 10.77
C THR C 201 -1.01 17.46 9.88
N THR C 202 0.20 17.30 10.39
CA THR C 202 1.27 16.70 9.60
C THR C 202 1.00 15.22 9.38
N PRO C 203 0.85 14.77 8.13
CA PRO C 203 0.69 13.33 7.89
C PRO C 203 2.00 12.60 8.05
N GLU C 204 1.88 11.29 8.30
CA GLU C 204 3.07 10.45 8.38
C GLU C 204 3.78 10.36 7.04
N ILE C 205 3.01 10.41 5.95
CA ILE C 205 3.57 10.40 4.60
C ILE C 205 2.64 11.19 3.69
N SER C 206 3.20 12.12 2.93
CA SER C 206 2.43 12.99 2.07
C SER C 206 2.95 12.93 0.64
N TYR C 207 2.03 13.01 -0.31
CA TYR C 207 2.36 12.94 -1.73
C TYR C 207 1.97 14.26 -2.40
N PRO C 208 2.87 15.23 -2.51
CA PRO C 208 2.51 16.50 -3.16
C PRO C 208 2.10 16.29 -4.60
N GLY C 209 1.11 17.07 -5.03
CA GLY C 209 0.55 16.89 -6.36
C GLY C 209 1.51 17.34 -7.44
N GLY C 210 1.51 16.61 -8.55
CA GLY C 210 2.32 16.99 -9.70
C GLY C 210 1.83 18.28 -10.31
N LEU C 211 2.72 19.27 -10.39
CA LEU C 211 2.38 20.58 -10.91
C LEU C 211 2.40 20.58 -12.44
N GLY C 212 1.77 21.60 -13.03
CA GLY C 212 1.59 21.67 -14.46
C GLY C 212 2.80 22.22 -15.18
N THR C 213 2.59 22.51 -16.47
CA THR C 213 3.66 22.96 -17.35
C THR C 213 3.38 24.36 -17.87
N GLU C 214 4.39 24.94 -18.53
CA GLU C 214 4.19 26.22 -19.21
C GLU C 214 3.32 26.06 -20.45
N GLY C 215 3.33 24.89 -21.07
CA GLY C 215 2.44 24.63 -22.18
C GLY C 215 3.07 23.93 -23.36
N ILE C 216 4.40 24.03 -23.51
CA ILE C 216 5.07 23.45 -24.67
C ILE C 216 4.91 21.95 -24.67
N VAL C 217 5.23 21.30 -23.54
CA VAL C 217 5.01 19.86 -23.43
C VAL C 217 3.56 19.56 -23.05
N GLY C 218 3.00 20.38 -22.17
CA GLY C 218 1.58 20.31 -21.84
C GLY C 218 1.10 19.02 -21.22
N THR C 219 1.82 18.50 -20.23
CA THR C 219 1.34 17.33 -19.51
C THR C 219 0.45 17.76 -18.35
N GLY C 220 -0.48 16.88 -17.98
CA GLY C 220 -1.36 17.14 -16.86
C GLY C 220 -0.91 16.45 -15.60
N GLY C 221 -0.39 17.21 -14.64
CA GLY C 221 0.23 16.67 -13.45
C GLY C 221 -0.59 15.64 -12.70
N GLY C 222 0.04 14.53 -12.33
CA GLY C 222 -0.64 13.44 -11.67
C GLY C 222 -0.73 13.62 -10.17
N SER C 223 -1.08 12.52 -9.49
CA SER C 223 -1.33 12.54 -8.06
C SER C 223 -0.92 11.20 -7.47
N VAL C 224 -1.44 10.92 -6.27
CA VAL C 224 -1.17 9.68 -5.56
C VAL C 224 -1.54 8.49 -6.43
N LEU C 225 -2.73 8.53 -7.02
CA LEU C 225 -3.22 7.45 -7.87
C LEU C 225 -3.15 7.78 -9.34
N SER C 226 -3.03 9.06 -9.70
CA SER C 226 -3.04 9.49 -11.08
C SER C 226 -1.62 9.81 -11.56
N GLN C 227 -1.33 9.44 -12.79
CA GLN C 227 -0.08 9.72 -13.47
C GLN C 227 -0.27 10.81 -14.50
N PRO C 228 0.80 11.51 -14.89
CA PRO C 228 0.63 12.63 -15.82
C PRO C 228 0.11 12.18 -17.18
N THR C 229 -0.68 13.05 -17.80
CA THR C 229 -1.30 12.78 -19.09
C THR C 229 -0.97 13.92 -20.05
N GLN C 230 -0.47 13.57 -21.23
CA GLN C 230 -0.09 14.56 -22.22
C GLN C 230 -1.33 15.10 -22.93
N ARG C 231 -1.14 16.20 -23.66
CA ARG C 231 -2.23 16.79 -24.40
C ARG C 231 -2.56 15.96 -25.65
N ALA C 232 -3.51 16.46 -26.42
CA ALA C 232 -3.97 15.79 -27.64
C ALA C 232 -3.88 16.74 -28.82
N PHE C 233 -3.28 16.27 -29.91
CA PHE C 233 -3.19 17.05 -31.14
C PHE C 233 -4.35 16.70 -32.05
N THR C 234 -5.55 17.15 -31.64
CA THR C 234 -6.75 16.98 -32.45
C THR C 234 -7.47 18.31 -32.51
N ASN C 235 -8.06 18.61 -33.67
CA ASN C 235 -8.79 19.85 -33.88
C ASN C 235 -10.27 19.73 -33.55
N ALA C 236 -10.73 18.53 -33.15
CA ALA C 236 -12.13 18.30 -32.84
C ALA C 236 -12.43 18.48 -31.35
N GLY C 237 -11.48 18.96 -30.57
CA GLY C 237 -11.70 19.09 -29.14
C GLY C 237 -11.86 17.79 -28.40
N ASN C 238 -11.11 16.76 -28.80
CA ASN C 238 -11.20 15.48 -28.10
C ASN C 238 -10.70 15.60 -26.66
N ASN C 239 -9.56 16.28 -26.47
CA ASN C 239 -9.03 16.71 -25.17
C ASN C 239 -9.32 15.72 -24.05
N ASN C 240 -8.79 14.51 -24.22
CA ASN C 240 -9.05 13.42 -23.30
C ASN C 240 -8.65 13.82 -21.88
N PRO C 241 -9.37 13.36 -20.85
CA PRO C 241 -9.15 13.85 -19.50
C PRO C 241 -8.07 13.08 -18.75
N ALA C 242 -7.85 13.46 -17.49
CA ALA C 242 -6.86 12.77 -16.67
C ALA C 242 -7.25 11.30 -16.48
N ASN C 243 -6.26 10.48 -16.15
CA ASN C 243 -6.50 9.04 -16.07
C ASN C 243 -7.40 8.68 -14.90
N SER C 244 -7.09 9.17 -13.71
CA SER C 244 -7.77 8.68 -12.51
C SER C 244 -7.91 9.83 -11.51
N TRP C 245 -8.20 9.48 -10.25
CA TRP C 245 -8.45 10.47 -9.22
C TRP C 245 -7.20 11.30 -8.95
N GLY C 246 -7.40 12.60 -8.73
CA GLY C 246 -6.32 13.50 -8.43
C GLY C 246 -5.59 14.08 -9.62
N GLY C 247 -5.86 13.58 -10.82
CA GLY C 247 -5.16 14.06 -11.99
C GLY C 247 -5.61 15.45 -12.40
N GLY C 248 -4.85 16.02 -13.34
CA GLY C 248 -5.13 17.33 -13.87
C GLY C 248 -5.37 17.29 -15.37
N GLY C 249 -5.82 18.42 -15.90
CA GLY C 249 -6.08 18.54 -17.31
C GLY C 249 -4.80 18.65 -18.11
N PRO C 250 -4.76 17.98 -19.28
CA PRO C 250 -3.61 18.12 -20.17
C PRO C 250 -3.46 19.50 -20.79
N GLY C 251 -4.50 20.32 -20.75
CA GLY C 251 -4.45 21.65 -21.32
C GLY C 251 -4.87 21.68 -22.78
N GLY C 252 -5.09 22.89 -23.29
CA GLY C 252 -5.51 23.07 -24.66
C GLY C 252 -4.39 23.50 -25.58
N SER C 253 -4.14 22.70 -26.61
CA SER C 253 -3.11 23.00 -27.59
C SER C 253 -3.58 24.09 -28.53
N ASP C 254 -2.67 24.53 -29.41
CA ASP C 254 -2.93 25.63 -30.34
C ASP C 254 -2.25 25.31 -31.67
N PHE C 255 -2.98 24.69 -32.59
CA PHE C 255 -2.45 24.42 -33.91
C PHE C 255 -3.61 24.43 -34.89
N GLY C 256 -3.41 25.08 -36.04
CA GLY C 256 -4.43 25.11 -37.08
C GLY C 256 -5.76 25.66 -36.64
N GLY C 257 -5.74 26.71 -35.82
CA GLY C 257 -6.98 27.31 -35.36
C GLY C 257 -7.83 26.38 -34.51
N ALA C 258 -7.20 25.62 -33.62
CA ALA C 258 -7.90 24.65 -32.79
C ALA C 258 -8.50 25.35 -31.57
N TRP C 259 -9.79 25.14 -31.33
CA TRP C 259 -10.46 25.64 -30.13
C TRP C 259 -10.51 24.51 -29.12
N GLN C 260 -9.37 24.26 -28.48
CA GLN C 260 -9.27 23.17 -27.52
C GLN C 260 -9.39 23.72 -26.11
N PRO C 261 -10.49 23.44 -25.40
CA PRO C 261 -10.58 23.88 -24.00
C PRO C 261 -9.67 23.11 -23.06
N GLY C 262 -9.21 21.93 -23.47
CA GLY C 262 -8.38 21.09 -22.63
C GLY C 262 -9.20 20.03 -21.90
N GLY C 263 -8.48 19.18 -21.17
CA GLY C 263 -9.12 18.11 -20.45
C GLY C 263 -9.71 18.55 -19.12
N VAL C 264 -10.56 17.68 -18.57
CA VAL C 264 -11.23 17.91 -17.30
C VAL C 264 -10.70 16.90 -16.29
N GLY C 265 -10.18 17.40 -15.18
CA GLY C 265 -9.66 16.52 -14.14
C GLY C 265 -10.77 16.05 -13.21
N LYS C 266 -10.69 14.79 -12.81
CA LYS C 266 -11.66 14.25 -11.88
C LYS C 266 -11.32 14.66 -10.44
N GLN C 267 -12.18 14.24 -9.52
CA GLN C 267 -12.10 14.64 -8.12
C GLN C 267 -11.38 13.59 -7.30
N GLY C 268 -10.75 14.05 -6.22
CA GLY C 268 -10.08 13.14 -5.31
C GLY C 268 -11.07 12.34 -4.49
N ILE C 269 -10.56 11.28 -3.87
CA ILE C 269 -11.37 10.40 -3.04
C ILE C 269 -10.62 10.13 -1.74
N ILE C 270 -11.37 9.66 -0.74
CA ILE C 270 -10.83 9.28 0.55
C ILE C 270 -11.07 7.79 0.73
N ILE C 271 -9.99 7.05 0.97
CA ILE C 271 -10.06 5.61 1.18
C ILE C 271 -9.61 5.31 2.59
N VAL C 272 -10.45 4.60 3.35
CA VAL C 272 -10.15 4.24 4.72
C VAL C 272 -10.29 2.72 4.87
N GLN C 273 -9.61 2.19 5.87
CA GLN C 273 -9.69 0.78 6.21
C GLN C 273 -9.82 0.64 7.72
N TYR C 274 -10.79 -0.13 8.16
CA TYR C 274 -10.97 -0.42 9.58
C TYR C 274 -11.41 -1.86 9.73
N PHE C 275 -11.44 -2.33 10.98
CA PHE C 275 -11.80 -3.70 11.30
C PHE C 275 -13.09 -3.71 12.09
N SER C 276 -14.08 -4.46 11.60
CA SER C 276 -15.39 -4.48 12.24
C SER C 276 -16.08 -5.80 11.93
N ARG C 277 -17.06 -6.13 12.76
CA ARG C 277 -17.93 -7.27 12.52
C ARG C 277 -19.25 -6.87 11.85
N PHE C 278 -19.41 -5.59 11.51
CA PHE C 278 -20.62 -5.12 10.86
C PHE C 278 -20.39 -4.98 9.36
N ALA C 279 -21.43 -4.53 8.65
CA ALA C 279 -21.32 -4.33 7.22
C ALA C 279 -20.39 -3.16 6.91
N PRO C 280 -19.68 -3.19 5.77
CA PRO C 280 -18.79 -2.10 5.39
C PRO C 280 -19.54 -0.82 5.06
#